data_7DF8
#
_entry.id   7DF8
#
_cell.length_a   1.00
_cell.length_b   1.00
_cell.length_c   1.00
_cell.angle_alpha   90.00
_cell.angle_beta   90.00
_cell.angle_gamma   90.00
#
_symmetry.space_group_name_H-M   'P 1'
#
loop_
_entity.id
_entity.type
_entity.pdbx_description
1 polymer 'NPC1-like intracellular cholesterol transporter 1'
2 branched 2-acetamido-2-deoxy-beta-D-glucopyranose-(1-4)-2-acetamido-2-deoxy-beta-D-glucopyranose
3 branched 2-acetamido-2-deoxy-beta-D-glucopyranose-(1-4)-2-acetamido-2-deoxy-beta-D-glucopyranose-(1-4)-2-acetamido-2-deoxy-beta-D-glucopyranose
4 non-polymer 2-acetamido-2-deoxy-beta-D-glucopyranose
5 non-polymer DODECYL-BETA-D-MALTOSIDE
6 non-polymer CHOLESTEROL
#
_entity_poly.entity_id   1
_entity_poly.type   'polypeptide(L)'
_entity_poly.pdbx_seq_one_letter_code
;MAEAGLRGWLLWALLLRLAQSEPYTTIHQPGYCAFYDECGKNPELSGSLMTLSNVSCLSNTPARKITGDHLILLQKICPR
LYTGPNTQACCSAKQLVSLEASLSITKALLTRCPACSDNFVNLHCHNTCSPNQSLFINVTRVAQLGAGQLPAVVAYEAFY
QHSFAEQSYDSCSRVRVPAAATLAVGTMCGVYGSALCNAQRWLNFQGDTGNGLAPLDITFHLLEPGQAVGSGIQPLNEGV
ARCNESQGDDVATCSCQDCAASCPAIARPQALDSTFYLGQMPGSLVLIIILCSVFAVVTILLVGFRVAPARDKSKMVDPK
KGTSLSDKLSFSTHTLLGQFFQGWGTWVASWPLTILVLSVIPVVALAAGLVFTELTTDPVELWSAPNSQARSEKAFHDQH
FGPFFRTNQVILTAPNRSSYRYDSLLLGPKNFSGILDLDLLLELLELQERLRHLQVWSPEAQRNISLQDICYAPLNPDNT
SLYDCCINSLLQYFQNNRTLLLLTANQTLMGQTSQVDWKDHFLYCANAPLTFKDGTALALSCMADYGAPVFPFLAIGGYK
GKDYSEAEALIMTFSLNNYPAGDPRLAQAKLWEEAFLEEMRAFQRRMAGMFQVTFMAERSLEDEINRTTAEDLPIFATSY
IVIFLYISLALGSYSSWSRVMVDSKATLGLGGVAVVLGAVMAAMGFFSYLGIRSSLVILQVVPFLVLSVGADNIFIFVLE
YQRLPRRPGEPREVHIGRALGRVAPSMLLCSLSEAICFFLGALTPMPAVRTFALTSGLAVILDFLLQMSAFVALLSLDSK
RQEASRLDVCCCVKPQELPPPGQGEGLLLGFFQKAYAPFLLHWITRGVVLLLFLALFGVSLYSMCHISVGLDQELALPKD
SYLLDYFLFLNRYFEVGAPVYFVTTLGYNFSSEAGMNAICSSAGCNNFSFTQKIQYATEFPEQSYLAIPASSWVDDFIDW
LTPSSCCRLYISGPNKDKFCPSTVNSLNCLKNCMSITMGSVRPSVEQFHKYLPWFLNDRPNIKCPKGGLAAYSTSVNLTS
DGQVLASRFMAYHKPLKNSQDYTEALRAARELAANITADLRKVPGTDPAFEVFPYTITNVFYEQYLTILPEGLFMLSLCL
VPTFAVSCLLLGLDLRSGLLNLLSIVMILVDTVGFMALWGISYNAVSLINLVSAVGMSVEFVSHITRSFAISTKPTWLER
AKEATISMGSAVFAGVAMTNLPGILVLGLAKAQLIQIFFFRLNLLITLLGLLHGLVFLPVILSYVGPDVNPALA
;
_entity_poly.pdbx_strand_id   A
#
# COMPACT_ATOMS: atom_id res chain seq x y z
N SER A 332 -24.69 38.97 20.96
CA SER A 332 -24.05 38.32 19.83
C SER A 332 -23.58 36.92 20.19
N THR A 333 -23.37 36.08 19.17
CA THR A 333 -22.90 34.73 19.42
C THR A 333 -21.46 34.71 19.92
N HIS A 334 -20.64 35.67 19.47
CA HIS A 334 -19.26 35.73 19.91
C HIS A 334 -19.15 36.12 21.38
N THR A 335 -19.89 37.16 21.80
CA THR A 335 -19.65 37.72 23.12
C THR A 335 -20.19 36.82 24.23
N LEU A 336 -21.17 35.97 23.92
CA LEU A 336 -21.65 34.99 24.89
C LEU A 336 -20.59 33.97 25.23
N LEU A 337 -19.88 33.49 24.20
CA LEU A 337 -18.86 32.45 24.41
C LEU A 337 -17.65 33.02 25.14
N GLY A 338 -17.22 34.23 24.77
CA GLY A 338 -16.13 34.86 25.47
C GLY A 338 -16.50 35.27 26.89
N GLN A 339 -17.77 35.60 27.12
CA GLN A 339 -18.20 35.92 28.46
C GLN A 339 -18.36 34.67 29.31
N PHE A 340 -18.61 33.52 28.68
CA PHE A 340 -18.65 32.28 29.44
C PHE A 340 -17.25 31.79 29.79
N PHE A 341 -16.30 31.91 28.85
CA PHE A 341 -14.93 31.49 29.13
C PHE A 341 -14.23 32.36 30.17
N GLN A 342 -14.65 33.62 30.33
CA GLN A 342 -14.01 34.45 31.35
C GLN A 342 -14.43 34.00 32.75
N GLY A 343 -15.68 33.58 32.91
CA GLY A 343 -16.11 33.07 34.20
C GLY A 343 -15.48 31.73 34.55
N TRP A 344 -15.33 30.86 33.54
CA TRP A 344 -14.82 29.51 33.78
C TRP A 344 -13.35 29.54 34.15
N GLY A 345 -12.56 30.39 33.48
CA GLY A 345 -11.14 30.50 33.79
C GLY A 345 -10.90 31.11 35.16
N THR A 346 -11.68 32.14 35.51
CA THR A 346 -11.50 32.73 36.84
C THR A 346 -12.04 31.83 37.94
N TRP A 347 -12.98 30.93 37.62
CA TRP A 347 -13.39 29.95 38.63
C TRP A 347 -12.33 28.86 38.79
N VAL A 348 -11.72 28.42 37.68
CA VAL A 348 -10.71 27.37 37.74
C VAL A 348 -9.45 27.86 38.44
N ALA A 349 -9.11 29.14 38.25
CA ALA A 349 -7.93 29.69 38.90
C ALA A 349 -8.11 29.84 40.41
N SER A 350 -9.35 29.93 40.89
CA SER A 350 -9.60 30.00 42.33
C SER A 350 -9.54 28.65 43.01
N TRP A 351 -9.57 27.55 42.26
CA TRP A 351 -9.37 26.20 42.79
C TRP A 351 -8.32 25.50 41.95
N PRO A 352 -7.06 25.88 42.09
CA PRO A 352 -6.03 25.34 41.19
C PRO A 352 -5.67 23.90 41.45
N LEU A 353 -5.54 23.52 42.72
CA LEU A 353 -5.10 22.17 43.04
C LEU A 353 -6.22 21.15 42.79
N THR A 354 -7.46 21.54 43.03
CA THR A 354 -8.56 20.59 42.93
C THR A 354 -8.88 20.24 41.48
N ILE A 355 -8.87 21.23 40.60
CA ILE A 355 -9.17 20.96 39.19
C ILE A 355 -8.02 20.22 38.52
N LEU A 356 -6.80 20.47 38.97
CA LEU A 356 -5.64 19.83 38.37
C LEU A 356 -5.57 18.34 38.71
N VAL A 357 -5.78 17.99 39.97
CA VAL A 357 -5.71 16.58 40.35
C VAL A 357 -6.93 15.82 39.86
N LEU A 358 -8.07 16.51 39.74
CA LEU A 358 -9.30 15.84 39.33
C LEU A 358 -9.39 15.66 37.83
N SER A 359 -8.56 16.35 37.06
CA SER A 359 -8.59 16.20 35.61
C SER A 359 -7.62 15.14 35.12
N VAL A 360 -6.47 14.98 35.77
CA VAL A 360 -5.48 14.02 35.31
C VAL A 360 -5.82 12.59 35.73
N ILE A 361 -6.79 12.41 36.63
CA ILE A 361 -7.25 11.07 36.97
C ILE A 361 -7.92 10.36 35.80
N PRO A 362 -8.86 10.96 35.05
CA PRO A 362 -9.36 10.30 33.83
C PRO A 362 -8.33 10.12 32.74
N VAL A 363 -7.31 10.98 32.69
CA VAL A 363 -6.24 10.81 31.70
C VAL A 363 -5.41 9.57 32.03
N VAL A 364 -5.12 9.36 33.31
CA VAL A 364 -4.38 8.16 33.72
C VAL A 364 -5.26 6.92 33.54
N ALA A 365 -6.55 7.04 33.80
CA ALA A 365 -7.46 5.89 33.63
C ALA A 365 -7.62 5.51 32.16
N LEU A 366 -7.58 6.50 31.26
CA LEU A 366 -7.64 6.20 29.84
C LEU A 366 -6.30 5.70 29.31
N ALA A 367 -5.20 6.24 29.82
CA ALA A 367 -3.89 5.82 29.31
C ALA A 367 -3.39 4.54 29.96
N ALA A 368 -4.10 4.02 30.97
CA ALA A 368 -3.75 2.72 31.54
C ALA A 368 -4.22 1.55 30.69
N GLY A 369 -5.02 1.79 29.66
CA GLY A 369 -5.46 0.77 28.73
C GLY A 369 -4.52 0.51 27.58
N LEU A 370 -3.26 0.90 27.69
CA LEU A 370 -2.25 0.64 26.67
C LEU A 370 -1.61 -0.73 26.81
N VAL A 371 -2.04 -1.54 27.78
CA VAL A 371 -1.46 -2.85 28.00
C VAL A 371 -2.55 -3.91 27.89
N PHE A 372 -3.81 -3.50 28.07
CA PHE A 372 -4.90 -4.45 28.19
C PHE A 372 -5.22 -5.10 26.84
N THR A 373 -5.53 -4.30 25.84
CA THR A 373 -5.81 -4.82 24.50
C THR A 373 -5.08 -3.99 23.46
N GLU A 374 -3.80 -3.75 23.69
CA GLU A 374 -2.96 -3.03 22.75
C GLU A 374 -2.34 -4.04 21.78
N LEU A 375 -2.94 -4.17 20.60
CA LEU A 375 -2.51 -5.14 19.61
C LEU A 375 -2.26 -4.44 18.28
N THR A 376 -1.17 -4.80 17.63
CA THR A 376 -0.74 -4.17 16.39
C THR A 376 -1.05 -5.07 15.22
N THR A 377 -1.68 -4.52 14.17
CA THR A 377 -2.05 -5.30 12.99
C THR A 377 -0.88 -5.31 12.00
N ASP A 378 -0.01 -6.31 12.17
CA ASP A 378 1.14 -6.47 11.28
C ASP A 378 0.93 -6.88 9.81
N PRO A 379 -0.18 -7.57 9.31
CA PRO A 379 -0.13 -7.99 7.89
C PRO A 379 -0.36 -6.85 6.93
N VAL A 380 -0.46 -7.18 5.65
CA VAL A 380 -0.70 -6.19 4.61
C VAL A 380 -2.20 -6.11 4.26
N GLU A 381 -3.06 -6.60 5.15
CA GLU A 381 -4.49 -6.33 5.08
C GLU A 381 -4.90 -5.15 5.94
N LEU A 382 -3.95 -4.28 6.25
CA LEU A 382 -4.21 -2.91 6.68
C LEU A 382 -4.26 -1.95 5.51
N TRP A 383 -4.19 -2.47 4.28
CA TRP A 383 -4.12 -1.67 3.07
C TRP A 383 -5.12 -2.21 2.04
N SER A 384 -6.35 -2.44 2.46
CA SER A 384 -7.41 -2.88 1.55
C SER A 384 -8.76 -2.75 2.20
N ALA A 385 -9.71 -2.12 1.52
CA ALA A 385 -11.05 -1.92 2.07
C ALA A 385 -11.79 -3.24 2.08
N PRO A 386 -12.29 -3.70 3.24
CA PRO A 386 -12.95 -5.01 3.31
C PRO A 386 -14.37 -5.05 2.77
N ASN A 387 -14.93 -3.92 2.35
CA ASN A 387 -16.28 -3.89 1.80
C ASN A 387 -16.28 -3.37 0.37
N SER A 388 -15.23 -3.67 -0.39
CA SER A 388 -15.08 -3.20 -1.75
C SER A 388 -15.35 -4.34 -2.72
N GLN A 389 -15.23 -4.03 -4.02
CA GLN A 389 -15.49 -5.03 -5.03
C GLN A 389 -14.30 -5.96 -5.23
N ALA A 390 -13.09 -5.43 -5.08
CA ALA A 390 -11.90 -6.25 -5.26
C ALA A 390 -11.72 -7.27 -4.14
N ARG A 391 -12.27 -7.01 -2.96
CA ARG A 391 -12.21 -7.97 -1.87
C ARG A 391 -13.36 -8.95 -1.89
N SER A 392 -14.47 -8.61 -2.55
CA SER A 392 -15.55 -9.58 -2.71
C SER A 392 -15.22 -10.61 -3.78
N GLU A 393 -14.50 -10.20 -4.82
CA GLU A 393 -14.05 -11.15 -5.82
C GLU A 393 -13.00 -12.10 -5.25
N LYS A 394 -12.19 -11.62 -4.31
CA LYS A 394 -11.20 -12.48 -3.68
C LYS A 394 -11.86 -13.51 -2.77
N ALA A 395 -12.99 -13.15 -2.17
CA ALA A 395 -13.71 -14.07 -1.31
C ALA A 395 -14.33 -15.21 -2.12
N PHE A 396 -14.84 -14.89 -3.31
CA PHE A 396 -15.43 -15.90 -4.18
C PHE A 396 -14.39 -16.87 -4.71
N HIS A 397 -13.23 -16.35 -5.09
CA HIS A 397 -12.15 -17.20 -5.59
C HIS A 397 -11.55 -18.05 -4.48
N ASP A 398 -11.44 -17.48 -3.28
CA ASP A 398 -10.95 -18.27 -2.15
C ASP A 398 -11.95 -19.32 -1.72
N GLN A 399 -13.24 -19.03 -1.85
CA GLN A 399 -14.24 -20.01 -1.47
C GLN A 399 -14.31 -21.16 -2.47
N HIS A 400 -14.23 -20.86 -3.76
CA HIS A 400 -14.52 -21.89 -4.75
C HIS A 400 -13.29 -22.63 -5.26
N PHE A 401 -12.09 -22.06 -5.13
CA PHE A 401 -10.89 -22.72 -5.64
C PHE A 401 -9.77 -22.85 -4.62
N GLY A 402 -9.91 -22.29 -3.41
CA GLY A 402 -8.82 -22.26 -2.48
C GLY A 402 -7.96 -21.03 -2.73
N PRO A 403 -7.25 -20.57 -1.71
CA PRO A 403 -6.50 -19.33 -1.84
C PRO A 403 -5.26 -19.48 -2.71
N PHE A 404 -4.77 -18.33 -3.17
CA PHE A 404 -3.60 -18.30 -4.03
C PHE A 404 -2.35 -18.69 -3.25
N PHE A 405 -1.46 -19.42 -3.91
CA PHE A 405 -0.30 -19.98 -3.23
C PHE A 405 0.74 -18.90 -2.92
N ARG A 406 1.52 -19.14 -1.87
CA ARG A 406 2.63 -18.27 -1.54
C ARG A 406 3.80 -18.51 -2.47
N THR A 407 4.68 -17.52 -2.57
CA THR A 407 5.81 -17.56 -3.48
C THR A 407 7.10 -17.27 -2.75
N ASN A 408 8.15 -18.03 -3.07
CA ASN A 408 9.49 -17.81 -2.53
C ASN A 408 10.46 -17.92 -3.71
N GLN A 409 11.09 -16.81 -4.08
CA GLN A 409 11.85 -16.74 -5.30
C GLN A 409 13.28 -16.34 -5.05
N VAL A 410 14.17 -16.77 -5.93
CA VAL A 410 15.56 -16.31 -5.98
C VAL A 410 15.89 -16.00 -7.42
N ILE A 411 16.68 -14.96 -7.64
CA ILE A 411 17.06 -14.52 -8.98
C ILE A 411 18.58 -14.43 -9.02
N LEU A 412 19.22 -15.35 -9.73
CA LEU A 412 20.67 -15.42 -9.78
C LEU A 412 21.19 -14.77 -11.07
N THR A 413 22.35 -14.14 -10.95
CA THR A 413 22.96 -13.46 -12.08
C THR A 413 24.47 -13.63 -11.99
N ALA A 414 25.12 -13.80 -13.14
CA ALA A 414 26.57 -13.86 -13.21
C ALA A 414 27.05 -12.58 -13.89
N PRO A 415 27.52 -11.59 -13.14
CA PRO A 415 27.80 -10.29 -13.76
C PRO A 415 29.10 -10.27 -14.55
N ASN A 416 30.14 -10.93 -14.08
CA ASN A 416 31.47 -10.83 -14.67
C ASN A 416 31.84 -12.07 -15.48
N ARG A 417 30.86 -12.68 -16.14
CA ARG A 417 31.09 -13.85 -16.97
C ARG A 417 30.79 -13.48 -18.41
N SER A 418 31.63 -13.93 -19.33
CA SER A 418 31.51 -13.57 -20.73
C SER A 418 30.73 -14.64 -21.49
N SER A 419 29.96 -14.19 -22.48
CA SER A 419 29.20 -15.11 -23.32
C SER A 419 30.15 -15.89 -24.23
N TYR A 420 29.62 -16.94 -24.84
CA TYR A 420 30.44 -17.77 -25.71
C TYR A 420 29.58 -18.36 -26.82
N ARG A 421 30.21 -18.61 -27.95
CA ARG A 421 29.54 -19.19 -29.11
C ARG A 421 29.45 -20.70 -28.98
N TYR A 422 28.38 -21.27 -29.53
CA TYR A 422 28.18 -22.71 -29.54
C TYR A 422 27.35 -23.06 -30.77
N ASP A 423 27.76 -24.12 -31.46
CA ASP A 423 27.11 -24.55 -32.70
C ASP A 423 26.29 -25.80 -32.43
N SER A 424 24.97 -25.66 -32.51
CA SER A 424 24.08 -26.79 -32.31
C SER A 424 23.92 -27.60 -33.59
N LEU A 425 23.46 -28.84 -33.44
CA LEU A 425 23.20 -29.70 -34.57
C LEU A 425 21.87 -29.40 -35.25
N LEU A 426 20.98 -28.68 -34.58
CA LEU A 426 19.65 -28.41 -35.12
C LEU A 426 19.31 -26.93 -35.25
N LEU A 427 19.95 -26.05 -34.49
CA LEU A 427 19.60 -24.63 -34.49
C LEU A 427 20.72 -23.74 -35.01
N GLY A 428 21.76 -24.32 -35.62
CA GLY A 428 22.84 -23.55 -36.16
C GLY A 428 23.69 -22.91 -35.09
N PRO A 429 24.45 -21.88 -35.45
CA PRO A 429 25.25 -21.17 -34.44
C PRO A 429 24.37 -20.35 -33.53
N LYS A 430 24.66 -20.43 -32.23
CA LYS A 430 23.88 -19.70 -31.23
C LYS A 430 24.81 -19.34 -30.08
N ASN A 431 24.79 -18.08 -29.67
CA ASN A 431 25.67 -17.62 -28.61
C ASN A 431 25.00 -17.83 -27.26
N PHE A 432 25.79 -18.25 -26.27
CA PHE A 432 25.26 -18.59 -24.95
C PHE A 432 25.76 -17.58 -23.93
N SER A 433 24.88 -17.21 -23.01
CA SER A 433 25.24 -16.28 -21.96
C SER A 433 26.20 -16.93 -20.97
N GLY A 434 26.81 -16.09 -20.14
CA GLY A 434 27.78 -16.60 -19.19
C GLY A 434 27.15 -17.39 -18.05
N ILE A 435 25.90 -17.09 -17.73
CA ILE A 435 25.24 -17.77 -16.62
C ILE A 435 24.93 -19.23 -16.97
N LEU A 436 24.68 -19.52 -18.24
CA LEU A 436 24.32 -20.87 -18.65
C LEU A 436 25.60 -21.70 -18.80
N ASP A 437 26.06 -22.23 -17.67
CA ASP A 437 27.23 -23.09 -17.65
C ASP A 437 27.03 -24.19 -16.63
N LEU A 438 27.80 -25.28 -16.80
CA LEU A 438 27.69 -26.41 -15.89
C LEU A 438 28.23 -26.06 -14.51
N ASP A 439 29.24 -25.21 -14.45
CA ASP A 439 29.87 -24.85 -13.19
C ASP A 439 28.97 -24.02 -12.30
N LEU A 440 28.01 -23.30 -12.87
CA LEU A 440 27.01 -22.57 -12.10
C LEU A 440 25.74 -23.37 -11.89
N LEU A 441 25.35 -24.18 -12.89
CA LEU A 441 24.13 -24.97 -12.78
C LEU A 441 24.28 -26.08 -11.74
N LEU A 442 25.49 -26.62 -11.59
CA LEU A 442 25.73 -27.62 -10.55
C LEU A 442 25.64 -27.03 -9.16
N GLU A 443 26.14 -25.80 -8.99
CA GLU A 443 26.04 -25.11 -7.70
C GLU A 443 24.59 -24.76 -7.37
N LEU A 444 23.83 -24.35 -8.40
CA LEU A 444 22.41 -24.09 -8.19
C LEU A 444 21.64 -25.38 -7.89
N LEU A 445 22.09 -26.50 -8.46
CA LEU A 445 21.47 -27.79 -8.15
C LEU A 445 21.75 -28.22 -6.72
N GLU A 446 22.97 -27.94 -6.23
CA GLU A 446 23.31 -28.22 -4.83
C GLU A 446 22.48 -27.38 -3.87
N LEU A 447 22.30 -26.09 -4.20
CA LEU A 447 21.50 -25.20 -3.36
C LEU A 447 20.03 -25.59 -3.37
N GLN A 448 19.52 -25.99 -4.54
CA GLN A 448 18.11 -26.39 -4.63
C GLN A 448 17.86 -27.70 -3.93
N GLU A 449 18.80 -28.64 -4.01
CA GLU A 449 18.62 -29.90 -3.29
C GLU A 449 18.81 -29.73 -1.79
N ARG A 450 19.59 -28.73 -1.36
CA ARG A 450 19.68 -28.48 0.07
C ARG A 450 18.43 -27.79 0.59
N LEU A 451 17.82 -26.92 -0.22
CA LEU A 451 16.60 -26.25 0.22
C LEU A 451 15.42 -27.20 0.27
N ARG A 452 15.41 -28.23 -0.56
CA ARG A 452 14.30 -29.17 -0.57
C ARG A 452 14.27 -30.06 0.66
N HIS A 453 15.41 -30.24 1.33
CA HIS A 453 15.51 -31.09 2.50
C HIS A 453 15.53 -30.31 3.81
N LEU A 454 15.09 -29.07 3.80
CA LEU A 454 15.13 -28.24 5.00
C LEU A 454 14.10 -28.72 6.02
N GLN A 455 14.36 -28.41 7.28
CA GLN A 455 13.48 -28.81 8.37
C GLN A 455 13.56 -27.78 9.48
N VAL A 456 12.41 -27.47 10.08
CA VAL A 456 12.32 -26.47 11.14
C VAL A 456 11.58 -27.09 12.32
N TRP A 457 12.07 -26.81 13.52
CA TRP A 457 11.49 -27.36 14.75
C TRP A 457 10.36 -26.46 15.21
N SER A 458 9.13 -26.93 15.08
CA SER A 458 7.97 -26.11 15.43
C SER A 458 7.77 -26.11 16.96
N PRO A 459 7.73 -24.95 17.60
CA PRO A 459 7.52 -24.95 19.05
C PRO A 459 6.09 -25.26 19.45
N GLU A 460 5.10 -24.78 18.68
CA GLU A 460 3.70 -24.96 19.07
C GLU A 460 3.28 -26.42 18.92
N ALA A 461 3.60 -27.03 17.77
CA ALA A 461 3.37 -28.44 17.54
C ALA A 461 4.72 -29.14 17.58
N GLN A 462 4.89 -30.06 18.53
CA GLN A 462 6.19 -30.65 18.80
C GLN A 462 6.60 -31.64 17.71
N ARG A 463 7.03 -31.13 16.56
CA ARG A 463 7.43 -31.97 15.44
C ARG A 463 8.19 -31.10 14.45
N ASN A 464 9.17 -31.68 13.78
CA ASN A 464 9.87 -30.96 12.73
C ASN A 464 8.94 -30.75 11.54
N ILE A 465 8.98 -29.55 10.98
CA ILE A 465 8.17 -29.22 9.81
C ILE A 465 9.04 -29.43 8.57
N SER A 466 8.61 -30.34 7.70
CA SER A 466 9.32 -30.64 6.47
C SER A 466 8.65 -29.92 5.30
N LEU A 467 9.33 -29.93 4.15
CA LEU A 467 8.83 -29.23 2.98
C LEU A 467 7.58 -29.90 2.42
N GLN A 468 7.46 -31.22 2.59
CA GLN A 468 6.32 -31.94 2.02
C GLN A 468 5.02 -31.61 2.72
N ASP A 469 5.08 -31.21 3.99
CA ASP A 469 3.86 -30.96 4.74
C ASP A 469 3.19 -29.64 4.36
N ILE A 470 3.93 -28.70 3.78
CA ILE A 470 3.37 -27.37 3.52
C ILE A 470 3.60 -26.92 2.09
N CYS A 471 4.06 -27.81 1.21
CA CYS A 471 4.31 -27.42 -0.17
C CYS A 471 3.05 -27.58 -1.00
N TYR A 472 2.97 -26.78 -2.06
CA TYR A 472 1.83 -26.77 -2.96
C TYR A 472 2.09 -27.81 -4.05
N ALA A 473 1.45 -28.97 -3.93
CA ALA A 473 1.62 -30.03 -4.91
C ALA A 473 0.38 -30.10 -5.78
N PRO A 474 0.46 -29.75 -7.07
CA PRO A 474 -0.75 -29.77 -7.89
C PRO A 474 -1.23 -31.17 -8.23
N LEU A 475 -0.31 -32.09 -8.51
CA LEU A 475 -0.66 -33.40 -9.00
C LEU A 475 -0.93 -34.41 -7.89
N ASN A 476 -0.71 -34.05 -6.63
CA ASN A 476 -0.93 -35.02 -5.56
C ASN A 476 -1.05 -34.33 -4.22
N PRO A 477 -2.20 -33.74 -3.90
CA PRO A 477 -2.33 -33.01 -2.63
C PRO A 477 -2.63 -33.90 -1.43
N ASP A 478 -2.98 -35.16 -1.62
CA ASP A 478 -3.38 -36.00 -0.50
C ASP A 478 -2.16 -36.59 0.22
N ASN A 479 -1.38 -37.41 -0.50
CA ASN A 479 -0.20 -38.02 0.12
C ASN A 479 0.93 -37.01 0.25
N THR A 480 1.28 -36.35 -0.86
CA THR A 480 2.25 -35.25 -0.91
C THR A 480 3.64 -35.72 -0.48
N SER A 481 4.22 -36.59 -1.29
CA SER A 481 5.59 -37.01 -1.09
C SER A 481 6.56 -35.86 -1.36
N LEU A 482 7.82 -36.06 -0.98
CA LEU A 482 8.79 -34.97 -0.98
C LEU A 482 9.22 -34.54 -2.38
N TYR A 483 9.01 -35.37 -3.39
CA TYR A 483 9.34 -35.01 -4.77
C TYR A 483 8.12 -34.56 -5.56
N ASP A 484 6.97 -34.39 -4.91
CA ASP A 484 5.77 -33.91 -5.57
C ASP A 484 5.55 -32.41 -5.37
N CYS A 485 6.50 -31.72 -4.75
CA CYS A 485 6.32 -30.31 -4.47
C CYS A 485 6.67 -29.47 -5.69
N CYS A 486 5.99 -28.33 -5.82
CA CYS A 486 6.15 -27.45 -6.97
C CYS A 486 7.42 -26.61 -6.79
N ILE A 487 8.45 -26.91 -7.56
CA ILE A 487 9.71 -26.19 -7.52
C ILE A 487 10.14 -25.90 -8.95
N ASN A 488 9.90 -24.69 -9.42
CA ASN A 488 10.21 -24.32 -10.80
C ASN A 488 11.63 -23.80 -10.89
N SER A 489 12.37 -24.27 -11.89
CA SER A 489 13.73 -23.82 -12.13
C SER A 489 14.17 -24.39 -13.47
N LEU A 490 15.39 -24.03 -13.87
CA LEU A 490 15.93 -24.55 -15.12
C LEU A 490 16.35 -26.01 -15.02
N LEU A 491 16.57 -26.51 -13.81
CA LEU A 491 16.98 -27.89 -13.64
C LEU A 491 15.82 -28.87 -13.65
N GLN A 492 14.57 -28.37 -13.73
CA GLN A 492 13.43 -29.27 -13.83
C GLN A 492 13.28 -29.88 -15.20
N TYR A 493 13.93 -29.30 -16.22
CA TYR A 493 13.99 -29.94 -17.53
C TYR A 493 14.74 -31.26 -17.47
N PHE A 494 15.77 -31.33 -16.64
CA PHE A 494 16.54 -32.55 -16.44
C PHE A 494 16.05 -33.36 -15.25
N GLN A 495 14.95 -32.94 -14.63
CA GLN A 495 14.28 -33.63 -13.52
C GLN A 495 15.12 -33.64 -12.25
N ASN A 496 16.05 -32.69 -12.10
CA ASN A 496 16.99 -32.60 -10.98
C ASN A 496 17.89 -33.82 -10.85
N ASN A 497 18.22 -34.46 -11.97
CA ASN A 497 19.11 -35.61 -11.98
C ASN A 497 20.50 -35.10 -12.39
N ARG A 498 21.48 -35.27 -11.51
CA ARG A 498 22.83 -34.84 -11.81
C ARG A 498 23.46 -35.68 -12.91
N THR A 499 23.07 -36.95 -13.00
CA THR A 499 23.64 -37.82 -14.04
C THR A 499 23.09 -37.46 -15.42
N LEU A 500 21.81 -37.07 -15.49
CA LEU A 500 21.24 -36.68 -16.77
C LEU A 500 21.80 -35.36 -17.25
N LEU A 501 22.22 -34.49 -16.34
CA LEU A 501 22.76 -33.19 -16.73
C LEU A 501 24.12 -33.34 -17.39
N LEU A 502 24.92 -34.30 -16.94
CA LEU A 502 26.23 -34.55 -17.52
C LEU A 502 26.20 -35.56 -18.67
N LEU A 503 25.01 -35.98 -19.10
CA LEU A 503 24.89 -36.96 -20.17
C LEU A 503 25.32 -36.35 -21.50
N THR A 504 25.88 -37.20 -22.37
CA THR A 504 26.36 -36.77 -23.67
C THR A 504 26.10 -37.88 -24.68
N ALA A 505 25.79 -37.48 -25.91
CA ALA A 505 25.50 -38.43 -26.98
C ALA A 505 26.15 -37.97 -28.26
N ASN A 506 26.38 -38.91 -29.17
CA ASN A 506 27.01 -38.63 -30.46
C ASN A 506 25.99 -38.87 -31.56
N GLN A 507 25.58 -37.78 -32.21
CA GLN A 507 24.53 -37.85 -33.22
C GLN A 507 25.14 -37.56 -34.58
N THR A 508 25.02 -38.52 -35.49
CA THR A 508 25.55 -38.38 -36.85
C THR A 508 24.44 -37.94 -37.81
N LEU A 509 23.85 -36.79 -37.51
CA LEU A 509 22.76 -36.28 -38.33
C LEU A 509 23.30 -35.53 -39.55
N MET A 510 22.84 -35.94 -40.74
CA MET A 510 23.20 -35.33 -42.02
C MET A 510 24.70 -35.46 -42.31
N GLY A 511 25.31 -36.55 -41.87
CA GLY A 511 26.75 -36.71 -42.00
C GLY A 511 27.53 -35.72 -41.17
N GLN A 512 27.08 -35.46 -39.94
CA GLN A 512 27.69 -34.46 -39.06
C GLN A 512 27.77 -35.06 -37.67
N THR A 513 28.91 -35.64 -37.33
CA THR A 513 29.14 -36.19 -36.00
C THR A 513 29.32 -35.04 -35.02
N SER A 514 28.25 -34.69 -34.31
CA SER A 514 28.25 -33.57 -33.39
C SER A 514 27.85 -34.06 -32.01
N GLN A 515 28.63 -33.70 -31.00
CA GLN A 515 28.33 -34.09 -29.63
C GLN A 515 27.13 -33.30 -29.14
N VAL A 516 25.98 -33.95 -29.07
CA VAL A 516 24.80 -33.31 -28.50
C VAL A 516 24.94 -33.33 -26.98
N ASP A 517 24.79 -32.16 -26.36
CA ASP A 517 25.07 -31.97 -24.95
C ASP A 517 23.76 -31.53 -24.29
N TRP A 518 23.83 -31.08 -23.03
CA TRP A 518 22.65 -30.63 -22.32
C TRP A 518 22.07 -29.34 -22.90
N LYS A 519 22.91 -28.52 -23.54
CA LYS A 519 22.45 -27.27 -24.11
C LYS A 519 21.49 -27.50 -25.28
N ASP A 520 21.68 -28.60 -26.02
CA ASP A 520 20.76 -28.93 -27.10
C ASP A 520 19.38 -29.32 -26.55
N HIS A 521 19.36 -30.09 -25.46
CA HIS A 521 18.11 -30.46 -24.83
C HIS A 521 17.44 -29.25 -24.17
N PHE A 522 18.24 -28.33 -23.66
CA PHE A 522 17.69 -27.10 -23.09
C PHE A 522 17.09 -26.22 -24.17
N LEU A 523 17.72 -26.17 -25.34
CA LEU A 523 17.16 -25.44 -26.47
C LEU A 523 15.89 -26.09 -26.97
N TYR A 524 15.80 -27.41 -26.90
CA TYR A 524 14.59 -28.08 -27.36
C TYR A 524 13.42 -27.87 -26.40
N CYS A 525 13.67 -28.01 -25.10
CA CYS A 525 12.59 -27.80 -24.12
C CYS A 525 12.16 -26.36 -23.99
N ALA A 526 13.01 -25.41 -24.36
CA ALA A 526 12.61 -24.01 -24.29
C ALA A 526 11.56 -23.68 -25.34
N ASN A 527 11.65 -24.32 -26.52
CA ASN A 527 10.67 -24.05 -27.56
C ASN A 527 9.38 -24.84 -27.36
N ALA A 528 9.47 -26.09 -26.91
CA ALA A 528 8.32 -26.96 -26.74
C ALA A 528 8.34 -27.56 -25.34
N PRO A 529 7.72 -26.89 -24.37
CA PRO A 529 7.79 -27.38 -22.98
C PRO A 529 6.98 -28.65 -22.73
N LEU A 530 5.98 -28.94 -23.53
CA LEU A 530 5.13 -30.12 -23.31
C LEU A 530 5.64 -31.32 -24.09
N THR A 531 6.91 -31.66 -23.88
CA THR A 531 7.57 -32.75 -24.58
C THR A 531 7.82 -33.89 -23.62
N PHE A 532 7.56 -35.12 -24.07
CA PHE A 532 7.85 -36.29 -23.26
C PHE A 532 9.08 -37.04 -23.71
N LYS A 533 9.44 -36.96 -24.99
CA LYS A 533 10.69 -37.51 -25.49
C LYS A 533 11.40 -36.47 -26.34
N ASP A 534 12.66 -36.24 -26.02
CA ASP A 534 13.46 -35.23 -26.71
C ASP A 534 13.72 -35.64 -28.15
N GLY A 535 13.73 -34.67 -29.05
CA GLY A 535 14.02 -34.93 -30.45
C GLY A 535 15.50 -34.79 -30.79
N THR A 536 16.35 -35.42 -30.00
CA THR A 536 17.79 -35.42 -30.21
C THR A 536 18.31 -36.85 -30.14
N ALA A 537 19.63 -36.99 -30.15
CA ALA A 537 20.23 -38.32 -29.99
C ALA A 537 20.01 -38.85 -28.58
N LEU A 538 20.11 -37.99 -27.58
CA LEU A 538 19.80 -38.37 -26.19
C LEU A 538 18.31 -38.18 -25.99
N ALA A 539 17.60 -39.28 -25.74
CA ALA A 539 16.14 -39.25 -25.67
C ALA A 539 15.73 -39.03 -24.23
N LEU A 540 15.87 -37.79 -23.76
CA LEU A 540 15.51 -37.42 -22.40
C LEU A 540 14.11 -36.84 -22.38
N SER A 541 13.52 -36.84 -21.19
CA SER A 541 12.23 -36.20 -21.00
C SER A 541 12.43 -34.69 -20.90
N CYS A 542 11.32 -33.98 -20.72
CA CYS A 542 11.32 -32.53 -20.86
C CYS A 542 10.42 -31.86 -19.84
N MET A 543 9.88 -32.60 -18.88
CA MET A 543 8.92 -32.10 -17.92
C MET A 543 9.44 -32.35 -16.51
N ALA A 544 8.91 -31.60 -15.56
CA ALA A 544 9.43 -31.59 -14.19
C ALA A 544 9.11 -32.90 -13.48
N ASP A 545 9.77 -33.10 -12.34
CA ASP A 545 9.62 -34.36 -11.62
C ASP A 545 8.27 -34.46 -10.92
N TYR A 546 7.62 -33.33 -10.64
CA TYR A 546 6.28 -33.39 -10.05
C TYR A 546 5.19 -33.57 -11.08
N GLY A 547 5.51 -33.60 -12.37
CA GLY A 547 4.55 -33.97 -13.38
C GLY A 547 4.22 -32.91 -14.39
N ALA A 548 4.03 -31.69 -13.94
CA ALA A 548 3.59 -30.63 -14.83
C ALA A 548 4.74 -30.12 -15.71
N PRO A 549 4.41 -29.55 -16.87
CA PRO A 549 5.45 -28.91 -17.66
C PRO A 549 5.77 -27.53 -17.13
N VAL A 550 7.04 -27.14 -17.27
CA VAL A 550 7.51 -25.84 -16.82
C VAL A 550 7.82 -24.98 -18.04
N PHE A 551 7.35 -23.76 -18.01
CA PHE A 551 7.51 -22.84 -19.13
C PHE A 551 8.80 -22.04 -18.98
N PRO A 552 9.32 -21.52 -20.09
CA PRO A 552 10.60 -20.83 -20.04
C PRO A 552 10.57 -19.50 -19.32
N PHE A 553 9.41 -18.88 -19.13
CA PHE A 553 9.38 -17.61 -18.42
C PHE A 553 9.32 -17.77 -16.90
N LEU A 554 9.28 -19.00 -16.41
CA LEU A 554 9.40 -19.26 -14.99
C LEU A 554 10.77 -19.79 -14.59
N ALA A 555 11.62 -20.11 -15.57
CA ALA A 555 12.95 -20.64 -15.31
C ALA A 555 14.05 -19.64 -15.64
N ILE A 556 14.00 -19.02 -16.80
CA ILE A 556 15.01 -18.05 -17.20
C ILE A 556 14.35 -16.68 -17.34
N GLY A 557 15.18 -15.65 -17.34
CA GLY A 557 14.70 -14.30 -17.51
C GLY A 557 15.80 -13.41 -18.06
N GLY A 558 15.39 -12.28 -18.59
CA GLY A 558 16.32 -11.32 -19.14
C GLY A 558 16.55 -11.45 -20.64
N TYR A 559 15.89 -12.38 -21.31
CA TYR A 559 16.00 -12.48 -22.76
C TYR A 559 15.12 -11.42 -23.41
N LYS A 560 15.07 -11.43 -24.74
CA LYS A 560 14.25 -10.49 -25.48
C LYS A 560 13.83 -11.14 -26.79
N GLY A 561 12.55 -11.50 -26.88
CA GLY A 561 12.04 -12.19 -28.04
C GLY A 561 11.86 -13.67 -27.79
N LYS A 562 12.66 -14.50 -28.46
CA LYS A 562 12.59 -15.94 -28.25
C LYS A 562 13.97 -16.60 -28.20
N ASP A 563 15.04 -15.83 -28.17
CA ASP A 563 16.40 -16.39 -28.05
C ASP A 563 16.67 -16.67 -26.58
N TYR A 564 16.36 -17.91 -26.16
CA TYR A 564 16.49 -18.28 -24.76
C TYR A 564 17.94 -18.52 -24.35
N SER A 565 18.86 -18.68 -25.31
CA SER A 565 20.25 -18.91 -24.97
C SER A 565 20.96 -17.67 -24.44
N GLU A 566 20.42 -16.48 -24.70
CA GLU A 566 20.98 -15.24 -24.22
C GLU A 566 20.37 -14.79 -22.90
N ALA A 567 19.84 -15.71 -22.11
CA ALA A 567 19.24 -15.36 -20.83
C ALA A 567 20.32 -14.94 -19.84
N GLU A 568 20.06 -13.84 -19.14
CA GLU A 568 21.03 -13.27 -18.21
C GLU A 568 20.69 -13.53 -16.75
N ALA A 569 19.58 -14.22 -16.46
CA ALA A 569 19.20 -14.49 -15.08
C ALA A 569 18.64 -15.89 -14.98
N LEU A 570 18.73 -16.46 -13.78
CA LEU A 570 18.19 -17.76 -13.46
C LEU A 570 17.22 -17.62 -12.30
N ILE A 571 16.10 -18.34 -12.38
CA ILE A 571 15.01 -18.20 -11.41
C ILE A 571 14.78 -19.56 -10.76
N MET A 572 14.53 -19.53 -9.45
CA MET A 572 14.21 -20.75 -8.70
C MET A 572 13.10 -20.40 -7.72
N THR A 573 11.92 -20.96 -7.93
CA THR A 573 10.71 -20.59 -7.21
C THR A 573 10.22 -21.75 -6.36
N PHE A 574 10.02 -21.50 -5.07
CA PHE A 574 9.34 -22.42 -4.17
C PHE A 574 7.97 -21.85 -3.86
N SER A 575 6.93 -22.66 -4.00
CA SER A 575 5.57 -22.23 -3.74
C SER A 575 4.95 -23.10 -2.66
N LEU A 576 4.26 -22.47 -1.72
CA LEU A 576 3.69 -23.15 -0.57
C LEU A 576 2.19 -22.91 -0.53
N ASN A 577 1.49 -23.79 0.20
CA ASN A 577 0.07 -23.62 0.41
C ASN A 577 -0.22 -22.41 1.26
N ASN A 578 -1.31 -21.71 0.94
CA ASN A 578 -1.77 -20.58 1.72
C ASN A 578 -3.05 -20.98 2.45
N TYR A 579 -3.19 -20.51 3.68
CA TYR A 579 -4.33 -20.85 4.53
C TYR A 579 -4.89 -19.58 5.13
N PRO A 580 -6.12 -19.63 5.65
CA PRO A 580 -6.66 -18.49 6.39
C PRO A 580 -5.88 -18.26 7.68
N ALA A 581 -6.05 -17.05 8.24
CA ALA A 581 -5.16 -16.58 9.29
C ALA A 581 -5.35 -17.30 10.61
N GLY A 582 -6.52 -17.90 10.83
CA GLY A 582 -6.74 -18.63 12.06
C GLY A 582 -6.18 -20.04 12.05
N ASP A 583 -5.78 -20.55 10.88
CA ASP A 583 -5.35 -21.93 10.78
C ASP A 583 -3.99 -22.12 11.43
N PRO A 584 -3.76 -23.26 12.10
CA PRO A 584 -2.43 -23.52 12.67
C PRO A 584 -1.38 -23.91 11.65
N ARG A 585 -1.76 -24.23 10.42
CA ARG A 585 -0.77 -24.52 9.39
C ARG A 585 -0.10 -23.27 8.86
N LEU A 586 -0.69 -22.10 9.07
CA LEU A 586 -0.07 -20.86 8.62
C LEU A 586 1.18 -20.54 9.42
N ALA A 587 1.16 -20.85 10.73
CA ALA A 587 2.35 -20.65 11.54
C ALA A 587 3.45 -21.64 11.16
N GLN A 588 3.06 -22.85 10.74
CA GLN A 588 4.03 -23.80 10.24
C GLN A 588 4.65 -23.33 8.93
N ALA A 589 3.83 -22.77 8.04
CA ALA A 589 4.32 -22.33 6.74
C ALA A 589 5.20 -21.11 6.85
N LYS A 590 4.85 -20.18 7.75
CA LYS A 590 5.71 -19.00 7.94
C LYS A 590 6.97 -19.35 8.69
N LEU A 591 6.96 -20.43 9.48
CA LEU A 591 8.15 -20.84 10.20
C LEU A 591 9.21 -21.39 9.27
N TRP A 592 8.79 -22.08 8.20
CA TRP A 592 9.73 -22.65 7.25
C TRP A 592 10.43 -21.56 6.43
N GLU A 593 9.73 -20.47 6.14
CA GLU A 593 10.29 -19.45 5.27
C GLU A 593 11.38 -18.65 5.97
N GLU A 594 11.37 -18.60 7.30
CA GLU A 594 12.48 -18.00 8.04
C GLU A 594 13.77 -18.81 7.87
N ALA A 595 13.65 -20.14 7.91
CA ALA A 595 14.80 -20.99 7.67
C ALA A 595 15.26 -20.91 6.21
N PHE A 596 14.31 -20.71 5.29
CA PHE A 596 14.64 -20.50 3.89
C PHE A 596 15.43 -19.20 3.69
N LEU A 597 15.02 -18.13 4.38
CA LEU A 597 15.72 -16.85 4.29
C LEU A 597 17.11 -16.93 4.91
N GLU A 598 17.25 -17.68 6.01
CA GLU A 598 18.56 -17.87 6.63
C GLU A 598 19.49 -18.69 5.74
N GLU A 599 18.95 -19.71 5.06
CA GLU A 599 19.76 -20.51 4.16
C GLU A 599 20.18 -19.71 2.92
N MET A 600 19.30 -18.85 2.41
CA MET A 600 19.74 -18.04 1.28
C MET A 600 20.69 -16.93 1.69
N ARG A 601 20.62 -16.45 2.94
CA ARG A 601 21.64 -15.51 3.41
C ARG A 601 23.00 -16.19 3.53
N ALA A 602 23.01 -17.46 3.97
CA ALA A 602 24.24 -18.23 3.99
C ALA A 602 24.78 -18.49 2.58
N PHE A 603 23.88 -18.73 1.62
CA PHE A 603 24.30 -18.91 0.23
C PHE A 603 24.84 -17.63 -0.37
N GLN A 604 24.25 -16.48 0.01
CA GLN A 604 24.75 -15.20 -0.46
C GLN A 604 26.12 -14.89 0.10
N ARG A 605 26.35 -15.19 1.38
CA ARG A 605 27.68 -14.96 1.96
C ARG A 605 28.71 -15.94 1.41
N ARG A 606 28.31 -17.16 1.08
CA ARG A 606 29.27 -18.17 0.63
C ARG A 606 29.64 -18.03 -0.85
N MET A 607 28.85 -17.31 -1.64
CA MET A 607 29.10 -17.26 -3.07
C MET A 607 29.25 -15.83 -3.56
N ALA A 608 30.09 -15.05 -2.87
CA ALA A 608 30.19 -13.62 -3.15
C ALA A 608 30.88 -13.36 -4.48
N GLY A 609 31.80 -14.22 -4.89
CA GLY A 609 32.56 -14.01 -6.10
C GLY A 609 32.09 -14.76 -7.32
N MET A 610 30.99 -15.50 -7.25
CA MET A 610 30.52 -16.29 -8.37
C MET A 610 29.15 -15.86 -8.87
N PHE A 611 28.17 -15.74 -8.00
CA PHE A 611 26.81 -15.36 -8.35
C PHE A 611 26.54 -13.94 -7.86
N GLN A 612 25.29 -13.52 -8.02
CA GLN A 612 24.79 -12.30 -7.39
C GLN A 612 23.30 -12.53 -7.15
N VAL A 613 22.96 -13.00 -5.97
CA VAL A 613 21.62 -13.50 -5.68
C VAL A 613 20.80 -12.42 -4.99
N THR A 614 19.51 -12.41 -5.31
CA THR A 614 18.52 -11.60 -4.60
C THR A 614 17.30 -12.48 -4.38
N PHE A 615 16.77 -12.48 -3.17
CA PHE A 615 15.74 -13.43 -2.79
C PHE A 615 14.56 -12.72 -2.17
N MET A 616 13.50 -13.49 -1.90
CA MET A 616 12.25 -12.94 -1.40
C MET A 616 11.36 -14.07 -0.91
N ALA A 617 10.83 -13.96 0.29
CA ALA A 617 9.84 -14.88 0.81
C ALA A 617 8.50 -14.17 0.90
N GLU A 618 7.43 -14.96 1.04
CA GLU A 618 6.09 -14.41 1.05
C GLU A 618 5.82 -13.62 2.33
N ARG A 619 6.47 -14.01 3.42
CA ARG A 619 6.40 -13.24 4.66
C ARG A 619 7.37 -12.07 4.69
N SER A 620 8.23 -11.94 3.67
CA SER A 620 9.34 -11.01 3.74
C SER A 620 8.88 -9.56 3.63
N LEU A 621 7.85 -9.29 2.83
CA LEU A 621 7.36 -7.93 2.74
C LEU A 621 6.56 -7.54 3.97
N GLU A 622 6.03 -8.50 4.71
CA GLU A 622 5.22 -8.17 5.88
C GLU A 622 6.07 -7.71 7.06
N ASP A 623 7.27 -8.26 7.22
CA ASP A 623 8.10 -7.92 8.36
C ASP A 623 9.23 -6.95 8.03
N GLU A 624 9.47 -6.68 6.75
CA GLU A 624 10.36 -5.57 6.39
C GLU A 624 9.65 -4.23 6.47
N ILE A 625 8.33 -4.22 6.53
CA ILE A 625 7.57 -2.99 6.61
C ILE A 625 7.57 -2.49 8.05
N ASN A 626 7.02 -3.28 8.97
CA ASN A 626 7.02 -2.90 10.37
C ASN A 626 8.18 -3.53 11.14
N ARG A 627 9.40 -3.35 10.62
CA ARG A 627 10.60 -3.75 11.33
C ARG A 627 11.22 -2.62 12.13
N THR A 628 11.09 -1.38 11.64
CA THR A 628 11.75 -0.23 12.21
C THR A 628 10.83 0.60 13.11
N THR A 629 9.69 0.04 13.53
CA THR A 629 8.79 0.78 14.40
C THR A 629 9.39 0.94 15.80
N ALA A 630 9.97 -0.11 16.34
CA ALA A 630 10.59 -0.04 17.66
C ALA A 630 12.02 0.47 17.62
N GLU A 631 12.58 0.65 16.43
CA GLU A 631 13.95 1.12 16.28
C GLU A 631 14.05 2.64 16.21
N ASP A 632 12.99 3.30 15.75
CA ASP A 632 13.02 4.73 15.48
C ASP A 632 12.34 5.59 16.53
N LEU A 633 11.59 4.97 17.44
CA LEU A 633 10.90 5.71 18.50
C LEU A 633 11.84 6.43 19.47
N PRO A 634 12.93 5.84 19.99
CA PRO A 634 13.85 6.63 20.81
C PRO A 634 14.57 7.74 20.08
N ILE A 635 14.77 7.62 18.77
CA ILE A 635 15.28 8.76 18.00
C ILE A 635 14.21 9.83 17.92
N PHE A 636 12.94 9.43 17.80
CA PHE A 636 11.86 10.40 17.66
C PHE A 636 11.46 11.03 18.98
N ALA A 637 11.91 10.47 20.10
CA ALA A 637 11.50 10.98 21.40
C ALA A 637 12.27 12.21 21.84
N THR A 638 13.31 12.61 21.08
CA THR A 638 14.04 13.83 21.41
C THR A 638 13.30 15.08 20.96
N SER A 639 12.26 14.94 20.13
CA SER A 639 11.43 16.07 19.75
C SER A 639 10.66 16.62 20.94
N TYR A 640 10.26 15.73 21.86
CA TYR A 640 9.62 16.18 23.10
C TYR A 640 10.57 16.97 23.98
N ILE A 641 11.85 16.56 24.03
CA ILE A 641 12.85 17.30 24.80
C ILE A 641 13.12 18.65 24.16
N VAL A 642 13.14 18.72 22.83
CA VAL A 642 13.37 19.98 22.14
C VAL A 642 12.20 20.92 22.32
N ILE A 643 10.97 20.40 22.27
CA ILE A 643 9.82 21.27 22.47
C ILE A 643 9.67 21.65 23.94
N PHE A 644 10.20 20.84 24.86
CA PHE A 644 10.26 21.28 26.24
C PHE A 644 11.26 22.40 26.42
N LEU A 645 12.42 22.30 25.75
CA LEU A 645 13.43 23.33 25.89
C LEU A 645 13.04 24.62 25.18
N TYR A 646 12.22 24.53 24.12
CA TYR A 646 11.80 25.73 23.41
C TYR A 646 10.87 26.58 24.26
N ILE A 647 9.87 25.95 24.87
CA ILE A 647 9.14 26.62 25.94
C ILE A 647 10.08 26.82 27.13
N SER A 648 9.79 27.84 27.93
CA SER A 648 10.56 28.33 29.07
C SER A 648 11.87 29.01 28.67
N LEU A 649 12.07 29.31 27.40
CA LEU A 649 13.12 30.17 26.89
C LEU A 649 12.59 31.27 26.00
N ALA A 650 11.53 30.99 25.24
CA ALA A 650 10.80 31.99 24.51
C ALA A 650 9.64 32.58 25.31
N LEU A 651 9.37 32.05 26.50
CA LEU A 651 8.37 32.61 27.40
C LEU A 651 9.00 33.33 28.57
N GLY A 652 10.28 33.64 28.50
CA GLY A 652 10.96 34.29 29.60
C GLY A 652 10.74 35.79 29.65
N SER A 653 11.15 36.37 30.77
CA SER A 653 11.09 37.81 31.01
C SER A 653 12.50 38.31 31.26
N TYR A 654 13.41 37.97 30.34
CA TYR A 654 14.85 38.00 30.59
C TYR A 654 15.37 39.42 30.73
N SER A 655 15.89 39.74 31.91
CA SER A 655 16.40 41.08 32.19
C SER A 655 17.81 41.01 32.78
N SER A 656 18.11 39.93 33.48
CA SER A 656 19.42 39.77 34.10
C SER A 656 19.62 38.34 34.60
N SER A 664 11.73 32.13 34.60
CA SER A 664 12.09 31.51 33.35
C SER A 664 10.98 30.62 32.83
N LYS A 665 9.99 30.35 33.69
CA LYS A 665 8.78 29.61 33.34
C LYS A 665 9.10 28.16 32.96
N ALA A 666 10.04 27.54 33.68
CA ALA A 666 10.48 26.20 33.33
C ALA A 666 9.42 25.15 33.67
N THR A 667 8.54 25.44 34.62
CA THR A 667 7.45 24.50 34.91
C THR A 667 6.35 24.59 33.86
N LEU A 668 6.23 25.72 33.18
CA LEU A 668 5.22 25.86 32.13
C LEU A 668 5.53 24.99 30.93
N GLY A 669 6.81 24.83 30.61
CA GLY A 669 7.19 23.92 29.54
C GLY A 669 6.91 22.47 29.87
N LEU A 670 7.14 22.08 31.13
CA LEU A 670 6.82 20.72 31.58
C LEU A 670 5.31 20.50 31.59
N GLY A 671 4.54 21.52 31.96
CA GLY A 671 3.09 21.40 31.91
C GLY A 671 2.57 21.31 30.48
N GLY A 672 3.19 22.06 29.56
CA GLY A 672 2.81 21.97 28.16
C GLY A 672 3.16 20.63 27.54
N VAL A 673 4.30 20.06 27.93
CA VAL A 673 4.67 18.74 27.44
C VAL A 673 3.74 17.68 28.03
N ALA A 674 3.40 17.79 29.31
CA ALA A 674 2.56 16.78 29.95
C ALA A 674 1.12 16.85 29.45
N VAL A 675 0.63 18.05 29.16
CA VAL A 675 -0.74 18.18 28.64
C VAL A 675 -0.83 17.68 27.21
N VAL A 676 0.26 17.72 26.46
CA VAL A 676 0.28 17.15 25.11
C VAL A 676 0.56 15.66 25.16
N LEU A 677 1.50 15.25 26.00
CA LEU A 677 1.85 13.84 26.13
C LEU A 677 0.72 13.03 26.77
N GLY A 678 -0.02 13.62 27.70
CA GLY A 678 -1.13 12.92 28.32
C GLY A 678 -2.27 12.66 27.36
N ALA A 679 -2.56 13.65 26.52
CA ALA A 679 -3.69 13.54 25.60
C ALA A 679 -3.44 12.50 24.52
N VAL A 680 -2.18 12.38 24.07
CA VAL A 680 -1.83 11.40 23.05
C VAL A 680 -1.96 9.99 23.58
N MET A 681 -1.45 9.76 24.81
CA MET A 681 -1.56 8.43 25.41
C MET A 681 -2.99 8.10 25.78
N ALA A 682 -3.79 9.11 26.16
CA ALA A 682 -5.20 8.86 26.48
C ALA A 682 -6.00 8.51 25.23
N ALA A 683 -5.78 9.25 24.14
CA ALA A 683 -6.50 8.97 22.91
C ALA A 683 -6.03 7.67 22.27
N MET A 684 -4.76 7.30 22.47
CA MET A 684 -4.28 6.05 21.93
C MET A 684 -4.75 4.85 22.76
N GLY A 685 -4.85 5.02 24.09
CA GLY A 685 -5.27 3.93 24.93
C GLY A 685 -6.77 3.77 25.06
N PHE A 686 -7.55 4.80 24.69
CA PHE A 686 -8.99 4.64 24.68
C PHE A 686 -9.44 3.68 23.59
N PHE A 687 -8.76 3.71 22.43
CA PHE A 687 -9.10 2.81 21.35
C PHE A 687 -8.68 1.38 21.63
N SER A 688 -7.71 1.18 22.52
CA SER A 688 -7.33 -0.17 22.90
C SER A 688 -8.42 -0.86 23.72
N TYR A 689 -9.22 -0.09 24.46
CA TYR A 689 -10.32 -0.67 25.22
C TYR A 689 -11.40 -1.20 24.30
N LEU A 690 -11.60 -0.57 23.15
CA LEU A 690 -12.63 -0.97 22.21
C LEU A 690 -12.18 -2.08 21.26
N GLY A 691 -10.95 -2.56 21.40
CA GLY A 691 -10.45 -3.60 20.52
C GLY A 691 -10.27 -3.16 19.08
N ILE A 692 -9.74 -1.97 18.88
CA ILE A 692 -9.41 -1.46 17.54
C ILE A 692 -7.90 -1.52 17.42
N ARG A 693 -7.41 -2.39 16.54
CA ARG A 693 -5.98 -2.68 16.48
C ARG A 693 -5.22 -1.51 15.85
N SER A 694 -4.07 -1.19 16.45
CA SER A 694 -3.23 -0.10 16.00
C SER A 694 -2.32 -0.57 14.86
N SER A 695 -1.60 0.37 14.27
CA SER A 695 -0.73 0.08 13.13
C SER A 695 0.64 0.71 13.37
N LEU A 696 1.48 0.65 12.34
CA LEU A 696 2.83 1.21 12.46
C LEU A 696 2.80 2.73 12.35
N VAL A 697 1.88 3.27 11.55
CA VAL A 697 1.82 4.72 11.38
C VAL A 697 1.28 5.39 12.63
N ILE A 698 0.49 4.69 13.43
CA ILE A 698 -0.06 5.27 14.66
C ILE A 698 1.04 5.46 15.69
N LEU A 699 1.99 4.54 15.77
CA LEU A 699 3.07 4.61 16.74
C LEU A 699 4.26 5.42 16.22
N GLN A 700 4.16 6.02 15.05
CA GLN A 700 5.30 6.71 14.46
C GLN A 700 5.07 8.16 14.08
N VAL A 701 3.83 8.59 13.84
CA VAL A 701 3.63 9.97 13.43
C VAL A 701 2.59 10.65 14.31
N VAL A 702 1.80 9.86 15.05
CA VAL A 702 0.76 10.44 15.92
C VAL A 702 1.32 11.26 17.07
N PRO A 703 2.25 10.75 17.90
CA PRO A 703 2.74 11.58 19.02
C PRO A 703 3.61 12.77 18.60
N PHE A 704 4.14 12.78 17.39
CA PHE A 704 4.97 13.86 16.91
C PHE A 704 4.27 14.71 15.86
N LEU A 705 3.00 14.46 15.59
CA LEU A 705 2.14 15.38 14.88
C LEU A 705 1.09 16.02 15.76
N VAL A 706 0.64 15.31 16.81
CA VAL A 706 -0.21 15.95 17.80
C VAL A 706 0.57 16.98 18.59
N LEU A 707 1.87 16.74 18.80
CA LEU A 707 2.72 17.71 19.51
C LEU A 707 2.92 18.99 18.71
N SER A 708 2.87 18.91 17.39
CA SER A 708 3.06 20.10 16.57
C SER A 708 1.83 20.99 16.51
N VAL A 709 0.66 20.51 16.92
CA VAL A 709 -0.55 21.31 16.90
C VAL A 709 -1.19 21.30 18.29
N GLY A 710 -0.46 20.82 19.28
CA GLY A 710 -0.98 20.75 20.63
C GLY A 710 -0.46 21.85 21.53
N ALA A 711 0.76 22.29 21.26
CA ALA A 711 1.34 23.42 21.96
C ALA A 711 1.05 24.75 21.27
N ASP A 712 0.24 24.72 20.22
CA ASP A 712 -0.05 25.93 19.45
C ASP A 712 -0.91 26.89 20.24
N ASN A 713 -1.88 26.38 21.00
CA ASN A 713 -2.74 27.23 21.81
C ASN A 713 -2.07 27.69 23.09
N ILE A 714 -1.03 26.97 23.54
CA ILE A 714 -0.33 27.32 24.77
C ILE A 714 0.42 28.63 24.64
N PHE A 715 1.05 28.84 23.49
CA PHE A 715 1.76 30.09 23.24
C PHE A 715 0.78 31.26 23.10
N ILE A 716 -0.35 31.03 22.42
CA ILE A 716 -1.35 32.08 22.24
C ILE A 716 -2.03 32.43 23.55
N PHE A 717 -2.12 31.50 24.49
CA PHE A 717 -2.65 31.82 25.81
C PHE A 717 -1.62 32.51 26.70
N VAL A 718 -0.38 31.99 26.74
CA VAL A 718 0.61 32.53 27.65
C VAL A 718 1.10 33.91 27.20
N LEU A 719 1.24 34.13 25.88
CA LEU A 719 1.66 35.43 25.41
C LEU A 719 0.58 36.48 25.60
N GLU A 720 -0.69 36.08 25.50
CA GLU A 720 -1.77 37.01 25.78
C GLU A 720 -1.91 37.27 27.28
N TYR A 721 -1.48 36.32 28.12
CA TYR A 721 -1.50 36.56 29.56
C TYR A 721 -0.48 37.61 29.97
N GLN A 722 0.69 37.60 29.34
CA GLN A 722 1.74 38.54 29.71
C GLN A 722 1.63 39.88 28.99
N ARG A 723 0.87 39.95 27.90
CA ARG A 723 0.75 41.18 27.14
C ARG A 723 -0.43 42.04 27.60
N LEU A 724 -1.38 41.47 28.32
CA LEU A 724 -2.52 42.23 28.82
C LEU A 724 -2.18 42.74 30.21
N PRO A 725 -2.02 44.06 30.40
CA PRO A 725 -1.62 44.56 31.71
C PRO A 725 -2.75 44.46 32.72
N ARG A 726 -2.38 44.18 33.97
CA ARG A 726 -3.37 44.03 35.03
C ARG A 726 -3.98 45.38 35.37
N ARG A 727 -5.30 45.44 35.44
CA ARG A 727 -5.98 46.64 35.90
C ARG A 727 -5.73 46.83 37.39
N PRO A 728 -5.87 48.05 37.89
CA PRO A 728 -5.52 48.34 39.28
C PRO A 728 -6.53 47.75 40.25
N GLY A 729 -6.00 47.15 41.32
CA GLY A 729 -6.82 46.64 42.40
C GLY A 729 -7.71 45.47 42.04
N GLU A 730 -7.20 44.53 41.24
CA GLU A 730 -7.95 43.33 40.93
C GLU A 730 -7.08 42.10 41.18
N PRO A 731 -7.69 40.97 41.54
CA PRO A 731 -6.91 39.79 41.87
C PRO A 731 -6.32 39.15 40.63
N ARG A 732 -5.39 38.21 40.85
CA ARG A 732 -4.76 37.52 39.74
C ARG A 732 -5.72 36.56 39.05
N GLU A 733 -6.72 36.05 39.79
CA GLU A 733 -7.67 35.11 39.21
C GLU A 733 -8.57 35.78 38.17
N VAL A 734 -9.04 36.99 38.46
CA VAL A 734 -9.87 37.73 37.51
C VAL A 734 -9.05 38.15 36.31
N HIS A 735 -7.76 38.44 36.51
CA HIS A 735 -6.88 38.79 35.40
C HIS A 735 -6.63 37.60 34.49
N ILE A 736 -6.44 36.41 35.07
CA ILE A 736 -6.27 35.20 34.28
C ILE A 736 -7.55 34.83 33.56
N GLY A 737 -8.71 35.07 34.21
CA GLY A 737 -9.99 34.82 33.55
C GLY A 737 -10.25 35.76 32.40
N ARG A 738 -9.85 37.03 32.54
CA ARG A 738 -10.01 37.99 31.46
C ARG A 738 -9.10 37.68 30.29
N ALA A 739 -7.84 37.33 30.59
CA ALA A 739 -6.90 36.99 29.52
C ALA A 739 -7.25 35.67 28.86
N LEU A 740 -7.90 34.76 29.59
CA LEU A 740 -8.38 33.55 28.95
C LEU A 740 -9.60 33.83 28.08
N GLY A 741 -10.52 34.66 28.56
CA GLY A 741 -11.72 34.95 27.80
C GLY A 741 -11.50 35.79 26.56
N ARG A 742 -10.40 36.54 26.52
CA ARG A 742 -10.14 37.34 25.33
C ARG A 742 -9.56 36.53 24.16
N VAL A 743 -9.04 35.33 24.41
CA VAL A 743 -8.26 34.63 23.38
C VAL A 743 -8.80 33.23 23.12
N ALA A 744 -9.57 32.71 24.07
CA ALA A 744 -10.03 31.32 23.98
C ALA A 744 -11.02 30.97 22.86
N PRO A 745 -11.91 31.85 22.37
CA PRO A 745 -12.68 31.50 21.16
C PRO A 745 -11.86 31.19 19.91
N SER A 746 -10.72 31.87 19.71
CA SER A 746 -9.84 31.50 18.60
C SER A 746 -9.20 30.14 18.82
N MET A 747 -8.90 29.82 20.09
CA MET A 747 -8.38 28.52 20.48
C MET A 747 -9.38 27.41 20.20
N LEU A 748 -10.65 27.64 20.56
CA LEU A 748 -11.71 26.67 20.32
C LEU A 748 -11.98 26.51 18.83
N LEU A 749 -11.90 27.61 18.07
CA LEU A 749 -12.11 27.55 16.62
C LEU A 749 -11.02 26.75 15.92
N CYS A 750 -9.75 26.98 16.31
CA CYS A 750 -8.65 26.26 15.70
C CYS A 750 -8.66 24.77 16.07
N SER A 751 -8.92 24.45 17.34
CA SER A 751 -8.98 23.05 17.75
C SER A 751 -10.18 22.31 17.16
N LEU A 752 -11.35 22.96 17.09
CA LEU A 752 -12.52 22.31 16.53
C LEU A 752 -12.39 22.15 15.02
N SER A 753 -11.71 23.10 14.34
CA SER A 753 -11.46 22.93 12.91
C SER A 753 -10.49 21.78 12.66
N GLU A 754 -9.51 21.61 13.56
CA GLU A 754 -8.59 20.47 13.51
C GLU A 754 -9.33 19.14 13.67
N ALA A 755 -10.20 19.05 14.67
CA ALA A 755 -10.91 17.80 14.93
C ALA A 755 -11.94 17.50 13.86
N ILE A 756 -12.55 18.55 13.28
CA ILE A 756 -13.49 18.35 12.19
C ILE A 756 -12.78 17.88 10.93
N CYS A 757 -11.57 18.38 10.67
CA CYS A 757 -10.87 17.92 9.47
C CYS A 757 -10.29 16.52 9.65
N PHE A 758 -9.86 16.16 10.86
CA PHE A 758 -9.41 14.78 11.05
C PHE A 758 -10.57 13.79 11.02
N PHE A 759 -11.70 14.15 11.62
CA PHE A 759 -12.83 13.21 11.63
C PHE A 759 -13.48 13.10 10.26
N LEU A 760 -13.57 14.22 9.54
CA LEU A 760 -14.14 14.18 8.21
C LEU A 760 -13.22 13.47 7.22
N GLY A 761 -11.92 13.51 7.46
CA GLY A 761 -10.97 12.83 6.61
C GLY A 761 -10.78 11.36 6.88
N ALA A 762 -11.49 10.81 7.86
CA ALA A 762 -11.42 9.39 8.18
C ALA A 762 -12.48 8.57 7.46
N LEU A 763 -12.99 9.06 6.32
CA LEU A 763 -13.92 8.32 5.49
C LEU A 763 -13.22 7.56 4.39
N THR A 764 -11.90 7.54 4.37
CA THR A 764 -11.17 6.76 3.38
C THR A 764 -11.39 5.27 3.64
N PRO A 765 -11.41 4.44 2.61
CA PRO A 765 -11.67 3.01 2.82
C PRO A 765 -10.53 2.27 3.47
N MET A 766 -9.31 2.78 3.40
CA MET A 766 -8.15 2.03 3.86
C MET A 766 -8.09 2.01 5.38
N PRO A 767 -7.98 0.84 6.01
CA PRO A 767 -8.05 0.78 7.48
C PRO A 767 -6.84 1.35 8.18
N ALA A 768 -5.69 1.44 7.51
CA ALA A 768 -4.51 1.97 8.17
C ALA A 768 -4.62 3.49 8.35
N VAL A 769 -5.34 4.16 7.46
CA VAL A 769 -5.42 5.61 7.52
C VAL A 769 -6.66 6.04 8.30
N ARG A 770 -7.67 5.16 8.41
CA ARG A 770 -8.88 5.50 9.15
C ARG A 770 -8.62 5.57 10.64
N THR A 771 -7.88 4.60 11.18
CA THR A 771 -7.60 4.58 12.61
C THR A 771 -6.63 5.68 13.00
N PHE A 772 -5.73 6.04 12.08
CA PHE A 772 -4.81 7.16 12.31
C PHE A 772 -5.55 8.48 12.40
N ALA A 773 -6.52 8.69 11.50
CA ALA A 773 -7.31 9.92 11.52
C ALA A 773 -8.22 9.97 12.75
N LEU A 774 -8.80 8.82 13.14
CA LEU A 774 -9.66 8.77 14.31
C LEU A 774 -8.88 9.03 15.60
N THR A 775 -7.68 8.44 15.70
CA THR A 775 -6.83 8.65 16.87
C THR A 775 -6.33 10.09 16.94
N SER A 776 -6.03 10.70 15.78
CA SER A 776 -5.58 12.08 15.78
C SER A 776 -6.71 13.05 16.14
N GLY A 777 -7.93 12.75 15.69
CA GLY A 777 -9.07 13.58 16.05
C GLY A 777 -9.40 13.51 17.53
N LEU A 778 -9.38 12.30 18.10
CA LEU A 778 -9.64 12.14 19.53
C LEU A 778 -8.51 12.74 20.37
N ALA A 779 -7.27 12.66 19.87
CA ALA A 779 -6.14 13.26 20.57
C ALA A 779 -6.22 14.78 20.56
N VAL A 780 -6.69 15.37 19.45
CA VAL A 780 -6.83 16.82 19.37
C VAL A 780 -7.94 17.31 20.27
N ILE A 781 -9.05 16.56 20.34
CA ILE A 781 -10.15 16.95 21.23
C ILE A 781 -9.76 16.82 22.70
N LEU A 782 -9.05 15.74 23.05
CA LEU A 782 -8.59 15.61 24.43
C LEU A 782 -7.49 16.61 24.78
N ASP A 783 -6.70 17.03 23.79
CA ASP A 783 -5.71 18.08 24.02
C ASP A 783 -6.39 19.43 24.29
N PHE A 784 -7.47 19.73 23.56
CA PHE A 784 -8.22 20.96 23.81
C PHE A 784 -8.91 20.93 25.16
N LEU A 785 -9.45 19.78 25.56
CA LEU A 785 -10.08 19.70 26.86
C LEU A 785 -9.05 19.76 27.99
N LEU A 786 -7.87 19.18 27.78
CA LEU A 786 -6.87 19.14 28.83
C LEU A 786 -6.22 20.50 29.03
N GLN A 787 -5.94 21.22 27.95
CA GLN A 787 -5.23 22.49 28.12
C GLN A 787 -6.14 23.64 28.50
N MET A 788 -7.45 23.43 28.55
CA MET A 788 -8.37 24.45 29.01
C MET A 788 -8.88 24.21 30.42
N SER A 789 -8.56 23.06 31.01
CA SER A 789 -8.97 22.73 32.36
C SER A 789 -7.83 22.47 33.31
N ALA A 790 -6.73 21.90 32.84
CA ALA A 790 -5.57 21.65 33.69
C ALA A 790 -4.47 22.67 33.50
N PHE A 791 -4.26 23.13 32.27
CA PHE A 791 -3.19 24.09 32.02
C PHE A 791 -3.51 25.46 32.60
N VAL A 792 -4.78 25.82 32.68
CA VAL A 792 -5.16 27.09 33.30
C VAL A 792 -4.90 27.03 34.80
N ALA A 793 -5.16 25.88 35.42
CA ALA A 793 -4.86 25.70 36.83
C ALA A 793 -3.36 25.71 37.08
N LEU A 794 -2.59 25.12 36.16
CA LEU A 794 -1.13 25.13 36.29
C LEU A 794 -0.56 26.54 36.13
N LEU A 795 -1.13 27.32 35.21
CA LEU A 795 -0.68 28.70 35.03
C LEU A 795 -1.07 29.56 36.22
N SER A 796 -2.24 29.29 36.81
CA SER A 796 -2.63 30.03 38.01
C SER A 796 -1.75 29.66 39.21
N LEU A 797 -1.32 28.39 39.28
CA LEU A 797 -0.39 28.00 40.33
C LEU A 797 0.97 28.63 40.13
N ASP A 798 1.44 28.69 38.89
CA ASP A 798 2.74 29.32 38.61
C ASP A 798 2.68 30.83 38.81
N SER A 799 1.53 31.43 38.55
CA SER A 799 1.39 32.87 38.69
C SER A 799 1.63 33.31 40.12
N LYS A 800 1.13 32.52 41.07
CA LYS A 800 1.28 32.83 42.47
C LYS A 800 2.76 32.80 42.86
N ARG A 801 3.47 31.81 42.34
CA ARG A 801 4.89 31.64 42.64
C ARG A 801 5.77 32.87 42.42
N GLN A 802 5.48 33.67 41.41
CA GLN A 802 6.31 34.84 41.14
C GLN A 802 6.28 35.86 42.27
N GLU A 803 5.33 35.75 43.21
CA GLU A 803 5.33 36.62 44.38
C GLU A 803 6.56 36.37 45.26
N ALA A 804 6.92 35.11 45.46
CA ALA A 804 8.08 34.77 46.27
C ALA A 804 9.34 34.56 45.44
N SER A 805 9.34 33.56 44.56
CA SER A 805 10.52 33.20 43.79
C SER A 805 10.21 32.13 42.75
N GLY A 824 9.88 46.81 29.16
CA GLY A 824 10.95 46.46 28.24
C GLY A 824 10.43 45.88 26.93
N GLU A 825 9.34 45.13 27.02
CA GLU A 825 8.61 44.52 25.90
C GLU A 825 9.37 43.42 25.19
N GLY A 826 10.44 42.88 25.79
CA GLY A 826 11.19 41.81 25.19
C GLY A 826 11.95 42.25 23.94
N LEU A 827 12.22 41.29 23.07
CA LEU A 827 12.90 41.55 21.81
C LEU A 827 12.05 41.16 20.61
N LEU A 828 11.36 40.02 20.69
CA LEU A 828 10.57 39.56 19.54
C LEU A 828 9.32 40.41 19.35
N LEU A 829 8.78 40.96 20.44
CA LEU A 829 7.53 41.70 20.34
C LEU A 829 7.72 43.04 19.66
N GLY A 830 8.66 43.84 20.15
CA GLY A 830 8.82 45.18 19.64
C GLY A 830 10.14 45.42 18.95
N PHE A 831 11.18 44.69 19.35
CA PHE A 831 12.51 44.98 18.82
C PHE A 831 12.75 44.35 17.47
N PHE A 832 11.85 43.51 16.98
CA PHE A 832 11.91 42.99 15.63
C PHE A 832 10.66 43.37 14.85
N GLN A 833 9.48 43.16 15.43
CA GLN A 833 8.24 43.36 14.68
C GLN A 833 7.87 44.83 14.51
N LYS A 834 8.52 45.74 15.23
CA LYS A 834 8.41 47.16 14.95
C LYS A 834 9.52 47.66 14.04
N ALA A 835 10.35 46.76 13.53
CA ALA A 835 11.32 47.06 12.48
C ALA A 835 11.19 46.13 11.29
N TYR A 836 10.19 45.25 11.28
CA TYR A 836 9.83 44.42 10.13
C TYR A 836 8.49 44.81 9.54
N ALA A 837 7.54 45.20 10.39
CA ALA A 837 6.23 45.67 9.93
C ALA A 837 6.28 46.90 9.03
N PRO A 838 7.10 47.93 9.29
CA PRO A 838 7.28 48.97 8.26
C PRO A 838 7.92 48.48 6.96
N PHE A 839 8.74 47.43 7.02
CA PHE A 839 9.29 46.84 5.80
C PHE A 839 8.19 46.19 4.96
N LEU A 840 7.35 45.38 5.61
CA LEU A 840 6.31 44.67 4.87
C LEU A 840 5.19 45.60 4.40
N LEU A 841 4.96 46.69 5.11
CA LEU A 841 3.88 47.61 4.76
C LEU A 841 4.38 48.85 4.03
N HIS A 842 5.63 48.85 3.57
CA HIS A 842 6.09 49.88 2.65
C HIS A 842 5.33 49.77 1.34
N TRP A 843 5.08 50.91 0.70
CA TRP A 843 4.15 50.94 -0.43
C TRP A 843 4.72 50.31 -1.70
N ILE A 844 6.04 50.09 -1.77
CA ILE A 844 6.58 49.38 -2.92
C ILE A 844 6.47 47.87 -2.74
N THR A 845 6.80 47.37 -1.55
CA THR A 845 6.67 45.94 -1.28
C THR A 845 5.22 45.48 -1.21
N ARG A 846 4.31 46.39 -0.84
CA ARG A 846 2.89 46.07 -0.70
C ARG A 846 2.20 45.81 -2.02
N GLY A 847 2.78 46.22 -3.15
CA GLY A 847 2.26 45.83 -4.45
C GLY A 847 3.06 44.70 -5.07
N VAL A 848 4.34 44.59 -4.70
CA VAL A 848 5.19 43.55 -5.26
C VAL A 848 4.79 42.17 -4.74
N VAL A 849 4.48 42.09 -3.44
CA VAL A 849 4.08 40.82 -2.83
C VAL A 849 2.72 40.37 -3.36
N LEU A 850 1.84 41.34 -3.65
CA LEU A 850 0.49 41.06 -4.10
C LEU A 850 0.45 40.43 -5.48
N LEU A 851 1.46 40.66 -6.31
CA LEU A 851 1.54 39.98 -7.60
C LEU A 851 2.52 38.82 -7.60
N LEU A 852 3.51 38.80 -6.70
CA LEU A 852 4.40 37.65 -6.60
C LEU A 852 3.66 36.42 -6.06
N PHE A 853 2.80 36.61 -5.05
CA PHE A 853 2.02 35.48 -4.55
C PHE A 853 0.96 35.05 -5.55
N LEU A 854 0.42 35.99 -6.33
CA LEU A 854 -0.51 35.64 -7.40
C LEU A 854 0.17 34.83 -8.50
N ALA A 855 1.40 35.19 -8.84
CA ALA A 855 2.15 34.44 -9.83
C ALA A 855 2.53 33.06 -9.31
N LEU A 856 2.82 32.96 -8.00
CA LEU A 856 3.08 31.66 -7.38
C LEU A 856 1.84 30.77 -7.41
N PHE A 857 0.66 31.37 -7.17
CA PHE A 857 -0.60 30.63 -7.24
C PHE A 857 -0.89 30.16 -8.65
N GLY A 858 -0.63 31.00 -9.66
CA GLY A 858 -0.84 30.61 -11.04
C GLY A 858 0.11 29.51 -11.51
N VAL A 859 1.38 29.60 -11.09
CA VAL A 859 2.37 28.58 -11.46
C VAL A 859 2.06 27.26 -10.78
N SER A 860 1.59 27.30 -9.52
CA SER A 860 1.21 26.07 -8.84
C SER A 860 -0.06 25.46 -9.45
N LEU A 861 -0.97 26.33 -9.92
CA LEU A 861 -2.17 25.86 -10.61
C LEU A 861 -1.85 25.17 -11.92
N TYR A 862 -0.87 25.70 -12.66
CA TYR A 862 -0.44 24.98 -13.86
C TYR A 862 0.31 23.71 -13.50
N SER A 863 1.17 23.76 -12.48
CA SER A 863 2.07 22.64 -12.20
C SER A 863 1.40 21.50 -11.46
N MET A 864 0.18 21.69 -10.94
CA MET A 864 -0.46 20.57 -10.26
C MET A 864 -1.08 19.55 -11.21
N CYS A 865 -1.14 19.84 -12.51
CA CYS A 865 -1.69 18.88 -13.46
C CYS A 865 -0.70 17.80 -13.87
N HIS A 866 0.57 17.91 -13.47
CA HIS A 866 1.56 16.89 -13.73
C HIS A 866 1.73 15.92 -12.58
N ILE A 867 0.76 15.87 -11.67
CA ILE A 867 0.84 14.99 -10.52
C ILE A 867 0.66 13.54 -10.98
N SER A 868 1.18 12.62 -10.18
CA SER A 868 1.06 11.19 -10.44
C SER A 868 0.30 10.53 -9.30
N VAL A 869 -0.63 9.65 -9.66
CA VAL A 869 -1.51 9.00 -8.69
C VAL A 869 -1.04 7.58 -8.46
N GLY A 870 -0.89 7.19 -7.20
CA GLY A 870 -0.49 5.85 -6.86
C GLY A 870 0.77 5.78 -6.03
N LEU A 871 0.85 4.82 -5.13
CA LEU A 871 1.98 4.66 -4.22
C LEU A 871 2.75 3.40 -4.63
N ASP A 872 4.01 3.59 -5.02
CA ASP A 872 4.86 2.45 -5.36
C ASP A 872 5.18 1.64 -4.11
N GLN A 873 5.37 0.34 -4.30
CA GLN A 873 5.72 -0.51 -3.17
C GLN A 873 7.19 -0.40 -2.79
N GLU A 874 8.02 0.20 -3.64
CA GLU A 874 9.41 0.46 -3.25
C GLU A 874 9.52 1.59 -2.23
N LEU A 875 8.52 2.47 -2.15
CA LEU A 875 8.53 3.59 -1.22
C LEU A 875 7.87 3.26 0.11
N ALA A 876 7.82 1.98 0.49
CA ALA A 876 7.30 1.59 1.77
C ALA A 876 8.32 0.88 2.65
N LEU A 877 9.47 0.54 2.10
CA LEU A 877 10.47 -0.27 2.77
C LEU A 877 11.62 0.59 3.28
N PRO A 878 12.39 0.09 4.24
CA PRO A 878 13.56 0.84 4.72
C PRO A 878 14.64 0.94 3.66
N LYS A 879 15.53 1.91 3.84
CA LYS A 879 16.55 2.19 2.83
C LYS A 879 17.61 1.09 2.79
N ASP A 880 17.95 0.52 3.93
CA ASP A 880 18.88 -0.60 3.99
C ASP A 880 18.12 -1.93 4.02
N SER A 881 17.31 -2.14 2.98
CA SER A 881 16.47 -3.32 2.87
C SER A 881 16.96 -4.19 1.74
N TYR A 882 16.94 -5.50 1.96
CA TYR A 882 17.36 -6.44 0.93
C TYR A 882 16.31 -6.64 -0.15
N LEU A 883 15.06 -6.24 0.09
CA LEU A 883 14.03 -6.43 -0.91
C LEU A 883 14.11 -5.42 -2.04
N LEU A 884 14.84 -4.32 -1.84
CA LEU A 884 14.99 -3.33 -2.91
C LEU A 884 15.82 -3.88 -4.06
N ASP A 885 16.85 -4.66 -3.73
CA ASP A 885 17.65 -5.32 -4.77
C ASP A 885 16.83 -6.36 -5.51
N TYR A 886 15.94 -7.05 -4.79
CA TYR A 886 15.04 -8.02 -5.42
C TYR A 886 14.05 -7.32 -6.35
N PHE A 887 13.54 -6.17 -5.94
CA PHE A 887 12.59 -5.45 -6.79
C PHE A 887 13.28 -4.87 -8.02
N LEU A 888 14.55 -4.47 -7.87
CA LEU A 888 15.35 -4.02 -9.02
C LEU A 888 15.59 -5.14 -10.01
N PHE A 889 15.95 -6.33 -9.50
CA PHE A 889 16.18 -7.48 -10.40
C PHE A 889 14.88 -7.98 -11.01
N LEU A 890 13.77 -7.90 -10.27
CA LEU A 890 12.48 -8.30 -10.79
C LEU A 890 11.99 -7.36 -11.89
N ASN A 891 12.16 -6.05 -11.71
CA ASN A 891 11.76 -5.14 -12.76
C ASN A 891 12.70 -5.20 -13.96
N ARG A 892 13.96 -5.58 -13.75
CA ARG A 892 14.89 -5.61 -14.86
C ARG A 892 14.85 -6.89 -15.68
N TYR A 893 14.65 -8.05 -15.06
CA TYR A 893 14.96 -9.32 -15.72
C TYR A 893 13.79 -10.20 -16.07
N PHE A 894 12.64 -10.09 -15.40
CA PHE A 894 11.52 -10.97 -15.74
C PHE A 894 10.87 -10.59 -17.06
N GLU A 895 10.23 -11.59 -17.66
CA GLU A 895 9.58 -11.42 -18.95
C GLU A 895 8.06 -11.53 -18.87
N VAL A 896 7.51 -11.86 -17.71
CA VAL A 896 6.06 -11.90 -17.52
C VAL A 896 5.74 -11.43 -16.11
N GLY A 897 4.52 -10.97 -15.93
CA GLY A 897 4.05 -10.48 -14.64
C GLY A 897 3.38 -11.55 -13.82
N ALA A 898 2.48 -11.12 -12.96
CA ALA A 898 1.74 -12.06 -12.13
C ALA A 898 0.70 -12.80 -12.98
N PRO A 899 0.30 -14.00 -12.56
CA PRO A 899 -0.77 -14.70 -13.27
C PRO A 899 -2.11 -14.02 -13.09
N VAL A 900 -2.99 -14.23 -14.09
CA VAL A 900 -4.34 -13.66 -14.09
C VAL A 900 -5.31 -14.81 -14.24
N TYR A 901 -6.38 -14.80 -13.44
CA TYR A 901 -7.44 -15.78 -13.55
C TYR A 901 -8.72 -15.10 -13.96
N PHE A 902 -9.28 -15.52 -15.10
CA PHE A 902 -10.56 -15.01 -15.57
C PHE A 902 -11.65 -15.93 -15.05
N VAL A 903 -12.07 -15.67 -13.82
CA VAL A 903 -13.04 -16.54 -13.16
C VAL A 903 -14.42 -16.34 -13.77
N THR A 904 -15.14 -17.44 -13.94
CA THR A 904 -16.52 -17.40 -14.41
C THR A 904 -17.42 -17.77 -13.25
N THR A 905 -18.32 -16.86 -12.89
CA THR A 905 -19.23 -17.12 -11.79
C THR A 905 -20.30 -18.13 -12.22
N LEU A 906 -21.08 -18.59 -11.25
CA LEU A 906 -22.03 -19.66 -11.49
C LEU A 906 -23.22 -19.18 -12.30
N GLY A 907 -23.68 -20.02 -13.22
CA GLY A 907 -24.77 -19.66 -14.11
C GLY A 907 -24.62 -20.14 -15.53
N TYR A 908 -23.38 -20.25 -16.01
CA TYR A 908 -23.15 -20.76 -17.36
C TYR A 908 -23.44 -22.25 -17.41
N ASN A 909 -23.91 -22.71 -18.58
CA ASN A 909 -24.30 -24.11 -18.68
C ASN A 909 -23.09 -25.02 -18.78
N PHE A 910 -22.26 -24.81 -19.81
CA PHE A 910 -21.02 -25.54 -20.16
C PHE A 910 -21.25 -26.92 -20.77
N SER A 911 -22.49 -27.40 -20.85
CA SER A 911 -22.77 -28.76 -21.28
C SER A 911 -23.41 -28.85 -22.66
N SER A 912 -23.86 -27.74 -23.21
CA SER A 912 -24.46 -27.73 -24.54
C SER A 912 -23.39 -27.43 -25.58
N GLU A 913 -23.69 -27.79 -26.83
CA GLU A 913 -22.77 -27.47 -27.91
C GLU A 913 -22.74 -25.97 -28.19
N ALA A 914 -23.85 -25.27 -27.93
CA ALA A 914 -23.85 -23.82 -28.04
C ALA A 914 -23.02 -23.18 -26.93
N GLY A 915 -22.92 -23.82 -25.78
CA GLY A 915 -22.10 -23.32 -24.70
C GLY A 915 -20.62 -23.50 -24.92
N MET A 916 -20.24 -24.69 -25.42
CA MET A 916 -18.82 -24.97 -25.66
C MET A 916 -18.29 -24.15 -26.83
N ASN A 917 -19.15 -23.84 -27.80
CA ASN A 917 -18.70 -23.12 -28.99
C ASN A 917 -18.36 -21.66 -28.70
N ALA A 918 -18.88 -21.08 -27.62
CA ALA A 918 -18.53 -19.73 -27.25
C ALA A 918 -17.23 -19.66 -26.45
N ILE A 919 -16.65 -20.78 -26.08
CA ILE A 919 -15.47 -20.82 -25.24
C ILE A 919 -14.26 -21.36 -25.99
N CYS A 920 -14.46 -22.34 -26.87
CA CYS A 920 -13.35 -23.02 -27.51
C CYS A 920 -12.67 -22.13 -28.54
N SER A 921 -11.49 -22.58 -28.99
CA SER A 921 -10.75 -21.90 -30.04
C SER A 921 -10.38 -22.82 -31.19
N SER A 922 -10.79 -24.08 -31.16
CA SER A 922 -10.46 -25.05 -32.19
C SER A 922 -11.39 -24.88 -33.39
N ALA A 923 -11.39 -25.87 -34.28
CA ALA A 923 -12.26 -25.85 -35.44
C ALA A 923 -13.73 -25.97 -35.05
N GLY A 924 -14.58 -25.35 -35.86
CA GLY A 924 -16.01 -25.34 -35.57
C GLY A 924 -16.38 -24.56 -34.34
N CYS A 925 -15.66 -23.49 -34.04
CA CYS A 925 -15.94 -22.63 -32.89
C CYS A 925 -16.35 -21.25 -33.37
N ASN A 926 -17.14 -20.58 -32.55
CA ASN A 926 -17.62 -19.24 -32.90
C ASN A 926 -16.47 -18.23 -32.88
N ASN A 927 -16.53 -17.28 -33.80
CA ASN A 927 -15.54 -16.21 -33.80
C ASN A 927 -15.75 -15.30 -32.60
N PHE A 928 -14.64 -14.71 -32.13
CA PHE A 928 -14.64 -13.74 -31.03
C PHE A 928 -15.14 -14.36 -29.73
N SER A 929 -14.65 -15.57 -29.45
CA SER A 929 -15.04 -16.30 -28.25
C SER A 929 -14.23 -15.81 -27.05
N PHE A 930 -14.27 -16.58 -25.96
CA PHE A 930 -13.49 -16.34 -24.75
C PHE A 930 -12.01 -16.39 -25.05
N THR A 931 -11.54 -17.57 -25.44
CA THR A 931 -10.12 -17.78 -25.68
C THR A 931 -9.65 -17.05 -26.94
N GLN A 932 -10.56 -16.82 -27.90
CA GLN A 932 -10.21 -16.04 -29.08
C GLN A 932 -9.94 -14.58 -28.72
N LYS A 933 -10.76 -14.02 -27.83
CA LYS A 933 -10.54 -12.63 -27.41
C LYS A 933 -9.29 -12.51 -26.54
N ILE A 934 -9.05 -13.49 -25.67
CA ILE A 934 -7.84 -13.44 -24.85
C ILE A 934 -6.60 -13.68 -25.70
N GLN A 935 -6.72 -14.47 -26.76
CA GLN A 935 -5.62 -14.65 -27.70
C GLN A 935 -5.35 -13.37 -28.48
N TYR A 936 -6.41 -12.67 -28.89
CA TYR A 936 -6.23 -11.44 -29.65
C TYR A 936 -5.66 -10.32 -28.78
N ALA A 937 -6.02 -10.28 -27.51
CA ALA A 937 -5.58 -9.19 -26.65
C ALA A 937 -4.09 -9.23 -26.33
N THR A 938 -3.44 -10.39 -26.46
CA THR A 938 -2.01 -10.48 -26.20
C THR A 938 -1.17 -10.20 -27.44
N GLU A 939 -1.78 -9.94 -28.59
CA GLU A 939 -1.02 -9.50 -29.75
C GLU A 939 -0.69 -8.01 -29.71
N PHE A 940 -1.36 -7.26 -28.85
CA PHE A 940 -1.08 -5.84 -28.64
C PHE A 940 -0.92 -5.63 -27.14
N PRO A 941 0.23 -5.98 -26.57
CA PRO A 941 0.45 -5.87 -25.13
C PRO A 941 0.94 -4.51 -24.64
N GLU A 942 0.30 -3.45 -25.13
CA GLU A 942 0.54 -2.09 -24.64
C GLU A 942 -0.79 -1.45 -24.32
N GLN A 943 -1.84 -1.86 -25.04
CA GLN A 943 -3.20 -1.48 -24.68
C GLN A 943 -3.73 -2.43 -23.63
N SER A 944 -3.80 -3.72 -23.94
CA SER A 944 -4.14 -4.76 -22.99
C SER A 944 -2.86 -5.31 -22.38
N TYR A 945 -2.83 -5.43 -21.07
CA TYR A 945 -1.60 -5.78 -20.36
C TYR A 945 -1.48 -7.29 -20.16
N LEU A 946 -1.58 -8.04 -21.25
CA LEU A 946 -1.46 -9.49 -21.22
C LEU A 946 -0.28 -9.92 -22.06
N ALA A 947 0.45 -10.92 -21.59
CA ALA A 947 1.61 -11.42 -22.29
C ALA A 947 1.46 -12.84 -22.78
N ILE A 948 0.80 -13.71 -22.01
CA ILE A 948 0.62 -15.10 -22.41
C ILE A 948 -0.88 -15.35 -22.61
N PRO A 949 -1.27 -16.10 -23.64
CA PRO A 949 -2.70 -16.35 -23.86
C PRO A 949 -3.27 -17.29 -22.82
N ALA A 950 -4.59 -17.23 -22.67
CA ALA A 950 -5.27 -18.04 -21.69
C ALA A 950 -5.28 -19.51 -22.10
N SER A 951 -4.99 -20.38 -21.14
CA SER A 951 -5.05 -21.83 -21.34
C SER A 951 -6.39 -22.32 -20.84
N SER A 952 -7.24 -22.78 -21.75
CA SER A 952 -8.62 -23.09 -21.45
C SER A 952 -8.79 -24.60 -21.28
N TRP A 953 -9.48 -25.00 -20.22
CA TRP A 953 -9.68 -26.43 -19.96
C TRP A 953 -10.69 -27.03 -20.93
N VAL A 954 -11.57 -26.21 -21.50
CA VAL A 954 -12.56 -26.72 -22.45
C VAL A 954 -11.90 -27.16 -23.75
N ASP A 955 -10.91 -26.40 -24.21
CA ASP A 955 -10.18 -26.76 -25.42
C ASP A 955 -9.35 -28.03 -25.22
N ASP A 956 -8.69 -28.14 -24.06
CA ASP A 956 -7.94 -29.36 -23.78
C ASP A 956 -8.86 -30.54 -23.53
N PHE A 957 -10.06 -30.30 -23.02
CA PHE A 957 -11.01 -31.39 -22.88
C PHE A 957 -11.53 -31.85 -24.23
N ILE A 958 -11.73 -30.92 -25.17
CA ILE A 958 -12.16 -31.30 -26.51
C ILE A 958 -11.06 -32.04 -27.24
N ASP A 959 -9.80 -31.61 -27.05
CA ASP A 959 -8.68 -32.31 -27.68
C ASP A 959 -8.48 -33.68 -27.04
N TRP A 960 -8.74 -33.81 -25.75
CA TRP A 960 -8.61 -35.08 -25.06
C TRP A 960 -9.72 -36.05 -25.45
N LEU A 961 -10.85 -35.56 -25.92
CA LEU A 961 -11.93 -36.44 -26.35
C LEU A 961 -11.74 -36.94 -27.77
N THR A 962 -10.76 -36.43 -28.51
CA THR A 962 -10.47 -36.93 -29.84
C THR A 962 -9.90 -38.34 -29.74
N PRO A 963 -10.40 -39.29 -30.53
CA PRO A 963 -9.97 -40.69 -30.35
C PRO A 963 -8.57 -40.92 -30.87
N SER A 964 -7.59 -40.96 -29.96
CA SER A 964 -6.20 -41.25 -30.30
C SER A 964 -5.57 -42.14 -29.24
N SER A 965 -6.34 -43.10 -28.72
CA SER A 965 -5.91 -44.01 -27.66
C SER A 965 -5.54 -43.27 -26.37
N CYS A 966 -6.30 -42.22 -26.07
CA CYS A 966 -6.14 -41.45 -24.84
C CYS A 966 -7.36 -41.50 -23.94
N CYS A 967 -8.55 -41.69 -24.49
CA CYS A 967 -9.73 -42.07 -23.71
C CYS A 967 -10.27 -43.36 -24.31
N ARG A 968 -10.27 -44.43 -23.53
CA ARG A 968 -10.71 -45.72 -24.01
C ARG A 968 -11.57 -46.40 -22.95
N LEU A 969 -12.46 -47.28 -23.40
CA LEU A 969 -13.33 -48.05 -22.52
C LEU A 969 -13.07 -49.53 -22.68
N TYR A 970 -13.28 -50.28 -21.60
CA TYR A 970 -13.11 -51.73 -21.65
C TYR A 970 -14.21 -52.35 -22.51
N ILE A 971 -13.82 -53.36 -23.30
CA ILE A 971 -14.80 -54.06 -24.12
C ILE A 971 -15.72 -54.90 -23.25
N SER A 972 -15.16 -55.66 -22.31
CA SER A 972 -15.94 -56.55 -21.46
C SER A 972 -15.03 -57.08 -20.36
N GLY A 973 -15.64 -57.78 -19.41
CA GLY A 973 -14.91 -58.39 -18.32
C GLY A 973 -15.60 -58.19 -16.98
N PRO A 974 -14.84 -58.35 -15.89
CA PRO A 974 -15.36 -57.97 -14.57
C PRO A 974 -15.66 -56.49 -14.46
N ASN A 975 -14.86 -55.66 -15.12
CA ASN A 975 -15.09 -54.22 -15.24
C ASN A 975 -15.51 -53.87 -16.67
N LYS A 976 -16.80 -53.61 -16.85
CA LYS A 976 -17.34 -53.50 -18.21
C LYS A 976 -16.95 -52.19 -18.87
N ASP A 977 -17.40 -51.07 -18.31
CA ASP A 977 -17.25 -49.78 -18.98
C ASP A 977 -16.76 -48.69 -18.04
N LYS A 978 -16.03 -49.02 -16.97
CA LYS A 978 -15.62 -47.94 -16.08
C LYS A 978 -14.50 -47.07 -16.64
N PHE A 979 -13.27 -47.57 -16.80
CA PHE A 979 -12.23 -46.73 -17.40
C PHE A 979 -10.99 -47.51 -17.80
N CYS A 980 -10.50 -47.28 -19.01
CA CYS A 980 -9.20 -47.78 -19.44
C CYS A 980 -8.24 -46.62 -19.54
N PRO A 981 -7.31 -46.47 -18.62
CA PRO A 981 -6.36 -45.35 -18.68
C PRO A 981 -5.35 -45.54 -19.80
N SER A 982 -4.51 -44.51 -19.97
CA SER A 982 -3.51 -44.54 -21.04
C SER A 982 -2.41 -45.55 -20.74
N THR A 983 -2.15 -45.84 -19.47
CA THR A 983 -1.09 -46.76 -19.09
C THR A 983 -1.59 -48.19 -18.96
N VAL A 984 -2.23 -48.69 -20.02
CA VAL A 984 -2.67 -50.08 -20.08
C VAL A 984 -2.45 -50.61 -21.49
N ASN A 985 -1.43 -51.44 -21.66
CA ASN A 985 -1.11 -52.04 -22.95
C ASN A 985 -1.80 -53.41 -23.02
N SER A 986 -3.10 -53.37 -23.31
CA SER A 986 -3.93 -54.55 -23.36
C SER A 986 -4.77 -54.55 -24.62
N LEU A 987 -5.33 -55.72 -24.94
CA LEU A 987 -6.18 -55.89 -26.11
C LEU A 987 -7.66 -55.69 -25.79
N ASN A 988 -8.00 -55.41 -24.54
CA ASN A 988 -9.38 -55.23 -24.12
C ASN A 988 -9.80 -53.76 -24.12
N CYS A 989 -8.97 -52.88 -24.68
CA CYS A 989 -9.22 -51.45 -24.64
C CYS A 989 -9.40 -50.87 -26.04
N LEU A 990 -9.94 -51.65 -26.96
CA LEU A 990 -10.12 -51.20 -28.34
C LEU A 990 -11.52 -50.62 -28.53
N LYS A 991 -11.80 -49.57 -27.76
CA LYS A 991 -13.08 -48.88 -27.83
C LYS A 991 -12.88 -47.45 -27.33
N ASN A 992 -13.03 -46.48 -28.22
CA ASN A 992 -12.84 -45.08 -27.86
C ASN A 992 -13.98 -44.60 -26.97
N CYS A 993 -13.70 -43.55 -26.20
CA CYS A 993 -14.74 -42.88 -25.42
C CYS A 993 -15.77 -42.24 -26.33
N MET A 994 -15.31 -41.45 -27.29
CA MET A 994 -16.16 -40.82 -28.28
C MET A 994 -16.17 -41.67 -29.55
N SER A 995 -17.08 -41.33 -30.45
CA SER A 995 -17.17 -42.03 -31.72
C SER A 995 -16.28 -41.31 -32.74
N ILE A 996 -16.39 -41.72 -34.01
CA ILE A 996 -15.37 -41.44 -35.02
C ILE A 996 -16.10 -40.93 -36.26
N THR A 997 -15.38 -40.15 -37.09
CA THR A 997 -15.81 -39.70 -38.42
C THR A 997 -16.92 -38.64 -38.30
N MET A 998 -16.67 -37.65 -37.45
CA MET A 998 -17.36 -36.37 -37.52
C MET A 998 -16.34 -35.25 -37.45
N GLY A 999 -16.73 -34.08 -37.95
CA GLY A 999 -15.96 -32.87 -37.78
C GLY A 999 -16.52 -32.08 -36.61
N SER A 1000 -15.63 -31.47 -35.82
CA SER A 1000 -15.96 -30.72 -34.61
C SER A 1000 -16.66 -31.63 -33.59
N VAL A 1001 -15.88 -32.58 -33.09
CA VAL A 1001 -16.38 -33.60 -32.17
C VAL A 1001 -16.75 -32.97 -30.84
N ARG A 1002 -18.05 -32.98 -30.53
CA ARG A 1002 -18.59 -32.41 -29.31
C ARG A 1002 -19.34 -33.49 -28.54
N PRO A 1003 -19.06 -33.65 -27.24
CA PRO A 1003 -19.76 -34.70 -26.48
C PRO A 1003 -21.20 -34.31 -26.20
N SER A 1004 -22.01 -35.32 -25.92
CA SER A 1004 -23.39 -35.10 -25.52
C SER A 1004 -23.46 -34.58 -24.08
N VAL A 1005 -24.67 -34.25 -23.65
CA VAL A 1005 -24.86 -33.75 -22.30
C VAL A 1005 -24.63 -34.86 -21.28
N GLU A 1006 -25.04 -36.08 -21.60
CA GLU A 1006 -24.73 -37.21 -20.73
C GLU A 1006 -23.24 -37.51 -20.73
N GLN A 1007 -22.60 -37.39 -21.90
CA GLN A 1007 -21.18 -37.70 -22.01
C GLN A 1007 -20.33 -36.63 -21.32
N PHE A 1008 -20.81 -35.38 -21.29
CA PHE A 1008 -20.08 -34.32 -20.62
C PHE A 1008 -20.08 -34.51 -19.12
N HIS A 1009 -21.19 -34.99 -18.56
CA HIS A 1009 -21.27 -35.21 -17.12
C HIS A 1009 -20.48 -36.44 -16.69
N LYS A 1010 -20.20 -37.36 -17.61
CA LYS A 1010 -19.49 -38.59 -17.30
C LYS A 1010 -17.99 -38.49 -17.56
N TYR A 1011 -17.60 -38.02 -18.75
CA TYR A 1011 -16.19 -38.05 -19.13
C TYR A 1011 -15.37 -36.97 -18.46
N LEU A 1012 -16.02 -35.93 -17.93
CA LEU A 1012 -15.29 -34.80 -17.36
C LEU A 1012 -14.48 -35.11 -16.11
N PRO A 1013 -14.99 -35.84 -15.09
CA PRO A 1013 -14.13 -36.15 -13.94
C PRO A 1013 -12.98 -37.10 -14.24
N TRP A 1014 -13.06 -37.90 -15.30
CA TRP A 1014 -11.93 -38.74 -15.65
C TRP A 1014 -10.84 -37.91 -16.30
N PHE A 1015 -11.23 -36.85 -17.01
CA PHE A 1015 -10.26 -35.97 -17.65
C PHE A 1015 -9.47 -35.18 -16.61
N LEU A 1016 -10.11 -34.80 -15.51
CA LEU A 1016 -9.47 -33.98 -14.49
C LEU A 1016 -8.66 -34.80 -13.49
N ASN A 1017 -8.59 -36.12 -13.65
CA ASN A 1017 -7.71 -36.94 -12.85
C ASN A 1017 -6.68 -37.70 -13.68
N ASP A 1018 -6.73 -37.62 -15.00
CA ASP A 1018 -5.77 -38.34 -15.83
C ASP A 1018 -4.41 -37.67 -15.75
N ARG A 1019 -3.38 -38.45 -15.44
CA ARG A 1019 -2.02 -37.94 -15.36
C ARG A 1019 -1.37 -38.05 -16.73
N PRO A 1020 -0.77 -36.98 -17.26
CA PRO A 1020 -0.17 -37.05 -18.59
C PRO A 1020 1.08 -37.91 -18.60
N ASN A 1021 1.27 -38.63 -19.71
CA ASN A 1021 2.41 -39.51 -19.87
C ASN A 1021 2.85 -39.48 -21.34
N ILE A 1022 3.74 -40.40 -21.69
CA ILE A 1022 4.28 -40.43 -23.05
C ILE A 1022 3.22 -40.86 -24.06
N LYS A 1023 2.31 -41.73 -23.66
CA LYS A 1023 1.24 -42.20 -24.53
C LYS A 1023 -0.02 -41.36 -24.44
N CYS A 1024 -0.02 -40.31 -23.61
CA CYS A 1024 -1.18 -39.45 -23.50
C CYS A 1024 -0.77 -38.12 -22.90
N PRO A 1025 -0.17 -37.22 -23.68
CA PRO A 1025 0.15 -35.88 -23.18
C PRO A 1025 -0.96 -34.86 -23.39
N LYS A 1026 -2.19 -35.31 -23.66
CA LYS A 1026 -3.23 -34.42 -24.14
C LYS A 1026 -3.74 -33.51 -23.02
N GLY A 1027 -3.75 -34.00 -21.79
CA GLY A 1027 -4.15 -33.15 -20.69
C GLY A 1027 -4.56 -33.97 -19.49
N GLY A 1028 -4.98 -33.26 -18.46
CA GLY A 1028 -5.41 -33.89 -17.23
C GLY A 1028 -5.28 -33.01 -16.01
N LEU A 1029 -4.77 -33.58 -14.91
CA LEU A 1029 -4.72 -32.89 -13.64
C LEU A 1029 -3.45 -32.07 -13.47
N ALA A 1030 -2.61 -31.99 -14.50
CA ALA A 1030 -1.37 -31.23 -14.38
C ALA A 1030 -1.65 -29.73 -14.32
N ALA A 1031 -2.73 -29.29 -14.94
CA ALA A 1031 -3.05 -27.86 -14.98
C ALA A 1031 -4.47 -27.55 -14.53
N TYR A 1032 -5.44 -28.41 -14.84
CA TYR A 1032 -6.85 -28.09 -14.67
C TYR A 1032 -7.51 -28.87 -13.56
N SER A 1033 -6.74 -29.51 -12.67
CA SER A 1033 -7.34 -30.30 -11.61
C SER A 1033 -7.99 -29.42 -10.56
N THR A 1034 -7.41 -28.25 -10.30
CA THR A 1034 -7.94 -27.32 -9.31
C THR A 1034 -8.57 -26.09 -9.95
N SER A 1035 -8.70 -26.05 -11.28
CA SER A 1035 -9.29 -24.93 -11.97
C SER A 1035 -10.77 -25.12 -12.26
N VAL A 1036 -11.37 -26.22 -11.80
CA VAL A 1036 -12.78 -26.48 -12.04
C VAL A 1036 -13.38 -27.01 -10.75
N ASN A 1037 -14.52 -26.44 -10.35
CA ASN A 1037 -15.28 -26.91 -9.21
C ASN A 1037 -16.50 -27.65 -9.71
N LEU A 1038 -16.69 -28.87 -9.22
CA LEU A 1038 -17.80 -29.72 -9.63
C LEU A 1038 -18.79 -29.86 -8.47
N THR A 1039 -20.05 -30.06 -8.83
CA THR A 1039 -21.11 -30.24 -7.86
C THR A 1039 -21.16 -31.70 -7.42
N SER A 1040 -22.21 -32.07 -6.69
CA SER A 1040 -22.37 -33.46 -6.28
C SER A 1040 -22.70 -34.36 -7.47
N ASP A 1041 -23.59 -33.89 -8.36
CA ASP A 1041 -23.97 -34.72 -9.50
C ASP A 1041 -22.88 -34.77 -10.56
N GLY A 1042 -22.10 -33.70 -10.69
CA GLY A 1042 -21.12 -33.63 -11.76
C GLY A 1042 -21.37 -32.45 -12.67
N GLN A 1043 -22.02 -31.42 -12.13
CA GLN A 1043 -22.27 -30.18 -12.85
C GLN A 1043 -21.23 -29.14 -12.45
N VAL A 1044 -20.83 -28.31 -13.41
CA VAL A 1044 -19.76 -27.34 -13.21
C VAL A 1044 -20.33 -26.10 -12.55
N LEU A 1045 -19.89 -25.82 -11.32
CA LEU A 1045 -20.30 -24.59 -10.66
C LEU A 1045 -19.56 -23.39 -11.23
N ALA A 1046 -18.24 -23.38 -11.09
CA ALA A 1046 -17.43 -22.27 -11.54
C ALA A 1046 -16.11 -22.80 -12.07
N SER A 1047 -15.52 -22.05 -13.00
CA SER A 1047 -14.23 -22.39 -13.57
C SER A 1047 -13.33 -21.17 -13.48
N ARG A 1048 -12.09 -21.33 -13.96
CA ARG A 1048 -11.16 -20.21 -14.00
C ARG A 1048 -10.16 -20.48 -15.12
N PHE A 1049 -9.72 -19.40 -15.76
CA PHE A 1049 -8.83 -19.47 -16.91
C PHE A 1049 -7.58 -18.67 -16.59
N MET A 1050 -6.41 -19.21 -16.96
CA MET A 1050 -5.14 -18.66 -16.50
C MET A 1050 -4.46 -17.90 -17.62
N ALA A 1051 -3.97 -16.71 -17.31
CA ALA A 1051 -3.20 -15.90 -18.24
C ALA A 1051 -2.22 -15.06 -17.44
N TYR A 1052 -1.20 -14.55 -18.12
CA TYR A 1052 -0.11 -13.84 -17.45
C TYR A 1052 -0.08 -12.39 -17.91
N HIS A 1053 0.08 -11.48 -16.95
CA HIS A 1053 0.28 -10.08 -17.31
C HIS A 1053 1.64 -9.90 -17.97
N LYS A 1054 1.82 -8.74 -18.60
CA LYS A 1054 3.12 -8.25 -18.96
C LYS A 1054 3.80 -7.71 -17.71
N PRO A 1055 5.11 -7.45 -17.74
CA PRO A 1055 5.81 -6.98 -16.54
C PRO A 1055 5.40 -5.57 -16.14
N LEU A 1056 4.93 -5.43 -14.90
CA LEU A 1056 4.41 -4.19 -14.37
C LEU A 1056 5.48 -3.57 -13.47
N LYS A 1057 5.95 -2.37 -13.83
CA LYS A 1057 7.08 -1.79 -13.13
C LYS A 1057 6.63 -0.85 -12.01
N ASN A 1058 5.91 0.21 -12.35
CA ASN A 1058 5.50 1.22 -11.39
C ASN A 1058 4.08 0.95 -10.91
N SER A 1059 3.52 1.90 -10.17
CA SER A 1059 2.18 1.71 -9.62
C SER A 1059 1.08 2.13 -10.55
N GLN A 1060 1.38 2.91 -11.59
CA GLN A 1060 0.38 3.21 -12.61
C GLN A 1060 0.17 2.03 -13.55
N ASP A 1061 1.21 1.20 -13.72
CA ASP A 1061 1.10 0.03 -14.56
C ASP A 1061 0.13 -0.99 -14.00
N TYR A 1062 0.11 -1.13 -12.66
CA TYR A 1062 -0.83 -2.03 -12.00
C TYR A 1062 -2.27 -1.56 -12.18
N THR A 1063 -2.50 -0.25 -12.07
CA THR A 1063 -3.84 0.29 -12.23
C THR A 1063 -4.32 0.17 -13.67
N GLU A 1064 -3.43 0.43 -14.64
CA GLU A 1064 -3.80 0.32 -16.03
C GLU A 1064 -4.04 -1.13 -16.43
N ALA A 1065 -3.26 -2.07 -15.86
CA ALA A 1065 -3.45 -3.49 -16.12
C ALA A 1065 -4.78 -3.98 -15.54
N LEU A 1066 -5.11 -3.52 -14.34
CA LEU A 1066 -6.38 -3.90 -13.71
C LEU A 1066 -7.58 -3.34 -14.47
N ARG A 1067 -7.48 -2.09 -14.93
CA ARG A 1067 -8.58 -1.49 -15.69
C ARG A 1067 -8.74 -2.15 -17.06
N ALA A 1068 -7.64 -2.47 -17.73
CA ALA A 1068 -7.74 -3.13 -19.03
C ALA A 1068 -8.25 -4.55 -18.92
N ALA A 1069 -7.84 -5.27 -17.86
CA ALA A 1069 -8.34 -6.62 -17.64
C ALA A 1069 -9.82 -6.62 -17.29
N ARG A 1070 -10.27 -5.64 -16.49
CA ARG A 1070 -11.69 -5.57 -16.15
C ARG A 1070 -12.53 -5.15 -17.36
N GLU A 1071 -11.97 -4.32 -18.25
CA GLU A 1071 -12.69 -3.95 -19.47
C GLU A 1071 -12.80 -5.14 -20.43
N LEU A 1072 -11.74 -5.93 -20.56
CA LEU A 1072 -11.78 -7.12 -21.42
C LEU A 1072 -12.71 -8.18 -20.85
N ALA A 1073 -12.74 -8.32 -19.52
CA ALA A 1073 -13.68 -9.25 -18.91
C ALA A 1073 -15.12 -8.75 -19.03
N ALA A 1074 -15.31 -7.42 -19.06
CA ALA A 1074 -16.65 -6.89 -19.28
C ALA A 1074 -17.13 -7.15 -20.69
N ASN A 1075 -16.24 -7.05 -21.69
CA ASN A 1075 -16.60 -7.40 -23.07
C ASN A 1075 -16.90 -8.90 -23.19
N ILE A 1076 -16.13 -9.75 -22.49
CA ILE A 1076 -16.35 -11.19 -22.54
C ILE A 1076 -17.67 -11.57 -21.87
N THR A 1077 -17.98 -10.96 -20.73
CA THR A 1077 -19.23 -11.28 -20.06
C THR A 1077 -20.42 -10.70 -20.80
N ALA A 1078 -20.21 -9.60 -21.53
CA ALA A 1078 -21.29 -9.08 -22.37
C ALA A 1078 -21.58 -10.02 -23.53
N ASP A 1079 -20.54 -10.57 -24.14
CA ASP A 1079 -20.78 -11.50 -25.24
C ASP A 1079 -21.27 -12.86 -24.77
N LEU A 1080 -20.95 -13.27 -23.54
CA LEU A 1080 -21.32 -14.61 -23.08
C LEU A 1080 -22.80 -14.70 -22.71
N ARG A 1081 -23.44 -13.58 -22.37
CA ARG A 1081 -24.83 -13.63 -21.94
C ARG A 1081 -25.81 -13.81 -23.09
N LYS A 1082 -25.36 -13.61 -24.32
CA LYS A 1082 -26.23 -13.80 -25.48
C LYS A 1082 -26.44 -15.28 -25.82
N VAL A 1083 -25.61 -16.16 -25.28
CA VAL A 1083 -25.81 -17.60 -25.49
C VAL A 1083 -27.09 -18.05 -24.78
N PRO A 1084 -27.92 -18.86 -25.42
CA PRO A 1084 -29.16 -19.28 -24.77
C PRO A 1084 -28.91 -20.28 -23.66
N GLY A 1085 -29.52 -20.04 -22.51
CA GLY A 1085 -29.38 -20.93 -21.38
C GLY A 1085 -28.77 -20.26 -20.17
N THR A 1086 -27.77 -19.42 -20.38
CA THR A 1086 -27.13 -18.73 -19.27
C THR A 1086 -28.07 -17.67 -18.69
N ASP A 1087 -28.18 -17.65 -17.37
CA ASP A 1087 -29.04 -16.69 -16.71
C ASP A 1087 -28.31 -15.38 -16.52
N PRO A 1088 -29.04 -14.30 -16.27
CA PRO A 1088 -28.40 -13.03 -15.91
C PRO A 1088 -27.75 -13.13 -14.55
N ALA A 1089 -26.85 -12.17 -14.29
CA ALA A 1089 -25.93 -12.00 -13.17
C ALA A 1089 -24.70 -12.90 -13.29
N PHE A 1090 -24.61 -13.76 -14.29
CA PHE A 1090 -23.37 -14.44 -14.59
C PHE A 1090 -22.35 -13.43 -15.09
N GLU A 1091 -21.16 -13.45 -14.52
CA GLU A 1091 -20.13 -12.50 -14.92
C GLU A 1091 -18.78 -13.17 -14.89
N VAL A 1092 -17.85 -12.64 -15.69
CA VAL A 1092 -16.48 -13.10 -15.75
C VAL A 1092 -15.60 -11.96 -15.27
N PHE A 1093 -14.83 -12.21 -14.22
CA PHE A 1093 -14.00 -11.17 -13.64
C PHE A 1093 -12.55 -11.65 -13.56
N PRO A 1094 -11.60 -10.74 -13.69
CA PRO A 1094 -10.20 -11.13 -13.57
C PRO A 1094 -9.71 -11.05 -12.15
N TYR A 1095 -9.12 -12.12 -11.64
CA TYR A 1095 -8.59 -12.14 -10.29
C TYR A 1095 -7.08 -12.26 -10.35
N THR A 1096 -6.40 -11.31 -9.71
CA THR A 1096 -4.96 -11.30 -9.58
C THR A 1096 -4.63 -11.10 -8.11
N ILE A 1097 -3.44 -11.51 -7.70
CA ILE A 1097 -3.06 -11.48 -6.28
C ILE A 1097 -2.92 -10.06 -5.74
N THR A 1098 -2.66 -9.08 -6.60
CA THR A 1098 -2.47 -7.69 -6.17
C THR A 1098 -3.52 -6.76 -6.72
N ASN A 1099 -4.79 -7.19 -6.74
CA ASN A 1099 -5.86 -6.26 -7.12
C ASN A 1099 -6.50 -5.59 -5.93
N VAL A 1100 -6.33 -6.14 -4.73
CA VAL A 1100 -6.92 -5.51 -3.56
C VAL A 1100 -6.19 -4.21 -3.21
N PHE A 1101 -4.89 -4.15 -3.47
CA PHE A 1101 -4.12 -2.97 -3.13
C PHE A 1101 -4.32 -1.83 -4.13
N TYR A 1102 -4.39 -2.15 -5.42
CA TYR A 1102 -4.38 -1.14 -6.47
C TYR A 1102 -5.75 -0.86 -7.06
N GLU A 1103 -6.81 -1.40 -6.45
CA GLU A 1103 -8.16 -1.08 -6.91
C GLU A 1103 -8.63 0.27 -6.41
N GLN A 1104 -7.97 0.85 -5.41
CA GLN A 1104 -8.39 2.13 -4.88
C GLN A 1104 -8.05 3.29 -5.81
N TYR A 1105 -7.04 3.12 -6.67
CA TYR A 1105 -6.60 4.22 -7.52
C TYR A 1105 -7.48 4.41 -8.75
N LEU A 1106 -8.46 3.54 -8.99
CA LEU A 1106 -9.39 3.75 -10.08
C LEU A 1106 -10.27 4.96 -9.83
N THR A 1107 -10.65 5.18 -8.56
CA THR A 1107 -11.60 6.23 -8.22
C THR A 1107 -11.15 6.97 -6.96
N ILE A 1108 -9.85 7.22 -6.82
CA ILE A 1108 -9.38 8.01 -5.70
C ILE A 1108 -9.37 9.50 -6.04
N LEU A 1109 -9.32 9.85 -7.32
CA LEU A 1109 -9.28 11.25 -7.71
C LEU A 1109 -10.61 11.97 -7.48
N PRO A 1110 -11.77 11.44 -7.89
CA PRO A 1110 -13.03 12.05 -7.45
C PRO A 1110 -13.27 11.98 -5.95
N GLU A 1111 -12.74 10.95 -5.28
CA GLU A 1111 -12.90 10.86 -3.83
C GLU A 1111 -12.09 11.94 -3.13
N GLY A 1112 -10.91 12.26 -3.65
CA GLY A 1112 -10.09 13.30 -3.04
C GLY A 1112 -10.67 14.69 -3.17
N LEU A 1113 -11.24 14.99 -4.34
CA LEU A 1113 -11.81 16.32 -4.55
C LEU A 1113 -13.08 16.53 -3.72
N PHE A 1114 -13.87 15.48 -3.54
CA PHE A 1114 -15.09 15.61 -2.74
C PHE A 1114 -14.75 15.76 -1.25
N MET A 1115 -13.81 14.95 -0.76
CA MET A 1115 -13.50 14.98 0.66
C MET A 1115 -12.71 16.24 1.03
N LEU A 1116 -11.85 16.71 0.13
CA LEU A 1116 -11.14 17.96 0.39
C LEU A 1116 -12.08 19.15 0.33
N SER A 1117 -13.02 19.15 -0.62
CA SER A 1117 -13.98 20.23 -0.75
C SER A 1117 -15.05 20.19 0.34
N LEU A 1118 -15.26 19.05 0.98
CA LEU A 1118 -16.21 18.96 2.06
C LEU A 1118 -15.65 19.47 3.38
N CYS A 1119 -14.34 19.69 3.47
CA CYS A 1119 -13.73 20.21 4.68
C CYS A 1119 -13.66 21.72 4.70
N LEU A 1120 -13.83 22.38 3.55
CA LEU A 1120 -13.83 23.84 3.52
C LEU A 1120 -15.15 24.41 4.02
N VAL A 1121 -16.25 23.67 3.88
CA VAL A 1121 -17.58 24.12 4.30
C VAL A 1121 -17.65 24.29 5.82
N PRO A 1122 -17.24 23.31 6.66
CA PRO A 1122 -17.15 23.60 8.09
C PRO A 1122 -15.79 24.14 8.53
N THR A 1123 -15.27 25.12 7.80
CA THR A 1123 -14.07 25.85 8.20
C THR A 1123 -14.35 27.33 8.02
N PHE A 1124 -15.17 27.66 7.02
CA PHE A 1124 -15.61 29.01 6.75
C PHE A 1124 -16.91 29.34 7.47
N ALA A 1125 -17.83 28.36 7.55
CA ALA A 1125 -19.09 28.59 8.24
C ALA A 1125 -18.88 28.71 9.75
N VAL A 1126 -18.07 27.81 10.32
CA VAL A 1126 -17.84 27.84 11.75
C VAL A 1126 -16.96 29.02 12.13
N SER A 1127 -16.12 29.50 11.22
CA SER A 1127 -15.28 30.66 11.52
C SER A 1127 -16.11 31.93 11.59
N CYS A 1128 -17.20 32.00 10.82
CA CYS A 1128 -18.07 33.16 10.84
C CYS A 1128 -19.07 33.11 11.99
N LEU A 1129 -19.12 32.03 12.75
CA LEU A 1129 -20.05 31.88 13.86
C LEU A 1129 -19.37 31.99 15.21
N LEU A 1130 -18.25 31.30 15.41
CA LEU A 1130 -17.53 31.40 16.68
C LEU A 1130 -16.74 32.69 16.79
N LEU A 1131 -16.50 33.38 15.69
CA LEU A 1131 -15.76 34.63 15.67
C LEU A 1131 -16.66 35.76 15.20
N GLY A 1132 -16.10 36.96 15.13
CA GLY A 1132 -16.79 38.11 14.61
C GLY A 1132 -16.67 38.30 13.12
N LEU A 1133 -16.09 37.32 12.43
CA LEU A 1133 -15.87 37.32 10.99
C LEU A 1133 -17.22 37.33 10.27
N ASP A 1134 -17.56 38.43 9.59
CA ASP A 1134 -18.94 38.53 9.09
C ASP A 1134 -19.06 38.02 7.65
N LEU A 1135 -18.57 38.78 6.68
CA LEU A 1135 -18.56 38.28 5.31
C LEU A 1135 -17.36 38.68 4.48
N ARG A 1136 -16.77 39.86 4.70
CA ARG A 1136 -15.70 40.32 3.81
C ARG A 1136 -14.40 39.61 4.13
N SER A 1137 -14.01 39.64 5.38
CA SER A 1137 -12.87 38.87 5.84
C SER A 1137 -13.23 37.42 6.15
N GLY A 1138 -14.51 37.07 6.11
CA GLY A 1138 -14.89 35.68 6.25
C GLY A 1138 -14.46 34.81 5.08
N LEU A 1139 -14.59 35.34 3.86
CA LEU A 1139 -14.22 34.61 2.66
C LEU A 1139 -12.85 35.02 2.13
N LEU A 1140 -12.02 35.62 2.97
CA LEU A 1140 -10.67 36.02 2.61
C LEU A 1140 -9.63 35.03 3.13
N ASN A 1141 -9.79 34.57 4.37
CA ASN A 1141 -8.93 33.50 4.86
C ASN A 1141 -9.27 32.16 4.20
N LEU A 1142 -10.51 32.00 3.73
CA LEU A 1142 -10.83 30.86 2.88
C LEU A 1142 -10.05 30.91 1.56
N LEU A 1143 -9.88 32.11 1.01
CA LEU A 1143 -9.04 32.29 -0.18
C LEU A 1143 -7.58 31.98 0.14
N SER A 1144 -7.14 32.35 1.34
CA SER A 1144 -5.78 32.01 1.78
C SER A 1144 -5.58 30.51 1.92
N ILE A 1145 -6.60 29.81 2.45
CA ILE A 1145 -6.51 28.35 2.61
C ILE A 1145 -6.53 27.66 1.25
N VAL A 1146 -7.31 28.18 0.31
CA VAL A 1146 -7.35 27.62 -1.05
C VAL A 1146 -6.03 27.83 -1.77
N MET A 1147 -5.40 29.00 -1.57
CA MET A 1147 -4.08 29.25 -2.14
C MET A 1147 -3.02 28.35 -1.51
N ILE A 1148 -3.14 28.07 -0.21
CA ILE A 1148 -2.20 27.19 0.48
C ILE A 1148 -2.32 25.76 -0.04
N LEU A 1149 -3.56 25.30 -0.25
CA LEU A 1149 -3.79 23.95 -0.77
C LEU A 1149 -3.30 23.80 -2.21
N VAL A 1150 -3.54 24.81 -3.05
CA VAL A 1150 -3.12 24.74 -4.44
C VAL A 1150 -1.60 24.82 -4.56
N ASP A 1151 -0.96 25.68 -3.76
CA ASP A 1151 0.50 25.76 -3.78
C ASP A 1151 1.15 24.51 -3.21
N THR A 1152 0.52 23.90 -2.20
CA THR A 1152 1.03 22.65 -1.64
C THR A 1152 0.92 21.51 -2.64
N VAL A 1153 -0.19 21.46 -3.40
CA VAL A 1153 -0.34 20.42 -4.41
C VAL A 1153 0.64 20.62 -5.56
N GLY A 1154 0.89 21.88 -5.94
CA GLY A 1154 1.85 22.15 -7.00
C GLY A 1154 3.29 21.82 -6.60
N PHE A 1155 3.68 22.17 -5.38
CA PHE A 1155 5.02 21.81 -4.93
C PHE A 1155 5.14 20.32 -4.66
N MET A 1156 4.05 19.66 -4.28
CA MET A 1156 4.09 18.22 -4.11
C MET A 1156 4.24 17.52 -5.46
N ALA A 1157 3.65 18.07 -6.51
CA ALA A 1157 3.89 17.54 -7.85
C ALA A 1157 5.33 17.80 -8.29
N LEU A 1158 5.88 18.96 -7.93
CA LEU A 1158 7.22 19.30 -8.40
C LEU A 1158 8.30 18.49 -7.69
N TRP A 1159 8.13 18.25 -6.39
CA TRP A 1159 9.14 17.51 -5.63
C TRP A 1159 9.19 16.04 -6.03
N GLY A 1160 8.05 15.47 -6.41
CA GLY A 1160 8.02 14.08 -6.79
C GLY A 1160 7.33 13.22 -5.74
N ILE A 1161 6.32 13.78 -5.09
CA ILE A 1161 5.50 13.06 -4.13
C ILE A 1161 4.22 12.66 -4.83
N SER A 1162 3.96 11.37 -4.89
CA SER A 1162 2.76 10.88 -5.54
C SER A 1162 1.54 11.11 -4.68
N TYR A 1163 0.38 11.15 -5.32
CA TYR A 1163 -0.89 11.46 -4.66
C TYR A 1163 -1.60 10.15 -4.37
N ASN A 1164 -1.61 9.75 -3.10
CA ASN A 1164 -2.24 8.50 -2.70
C ASN A 1164 -3.06 8.70 -1.44
N ALA A 1165 -3.47 7.60 -0.80
CA ALA A 1165 -4.30 7.71 0.39
C ALA A 1165 -3.52 8.24 1.59
N VAL A 1166 -2.21 8.01 1.65
CA VAL A 1166 -1.41 8.52 2.76
C VAL A 1166 -1.25 10.03 2.66
N SER A 1167 -0.97 10.54 1.47
CA SER A 1167 -0.81 11.98 1.29
C SER A 1167 -2.13 12.72 1.28
N LEU A 1168 -3.24 12.02 1.03
CA LEU A 1168 -4.53 12.69 1.03
C LEU A 1168 -4.95 13.08 2.45
N ILE A 1169 -4.59 12.27 3.45
CA ILE A 1169 -4.95 12.62 4.82
C ILE A 1169 -4.08 13.76 5.33
N ASN A 1170 -2.88 13.93 4.76
CA ASN A 1170 -2.03 15.04 5.16
C ASN A 1170 -2.55 16.36 4.62
N LEU A 1171 -3.13 16.33 3.42
CA LEU A 1171 -3.75 17.53 2.87
C LEU A 1171 -5.00 17.91 3.66
N VAL A 1172 -5.76 16.91 4.12
CA VAL A 1172 -6.94 17.18 4.93
C VAL A 1172 -6.55 17.73 6.30
N SER A 1173 -5.40 17.34 6.82
CA SER A 1173 -4.91 17.94 8.05
C SER A 1173 -4.27 19.30 7.84
N ALA A 1174 -3.99 19.67 6.59
CA ALA A 1174 -3.44 21.00 6.32
C ALA A 1174 -4.54 22.05 6.21
N VAL A 1175 -5.70 21.67 5.66
CA VAL A 1175 -6.82 22.59 5.62
C VAL A 1175 -7.39 22.87 7.00
N GLY A 1176 -7.25 21.92 7.94
CA GLY A 1176 -7.57 22.17 9.33
C GLY A 1176 -6.48 22.84 10.11
N MET A 1177 -5.27 22.94 9.56
CA MET A 1177 -4.18 23.61 10.23
C MET A 1177 -3.94 25.02 9.71
N SER A 1178 -4.30 25.30 8.47
CA SER A 1178 -4.11 26.64 7.91
C SER A 1178 -5.09 27.67 8.46
N VAL A 1179 -6.17 27.24 9.12
CA VAL A 1179 -7.00 28.15 9.88
C VAL A 1179 -6.23 28.76 11.05
N GLU A 1180 -5.31 28.00 11.65
CA GLU A 1180 -4.47 28.52 12.73
C GLU A 1180 -3.53 29.63 12.28
N PHE A 1181 -3.13 29.65 11.01
CA PHE A 1181 -2.24 30.67 10.50
C PHE A 1181 -2.95 31.96 10.09
N VAL A 1182 -4.27 31.92 9.89
CA VAL A 1182 -4.95 33.05 9.27
C VAL A 1182 -6.09 33.57 10.13
N SER A 1183 -6.65 32.72 10.99
CA SER A 1183 -7.78 33.17 11.81
C SER A 1183 -7.32 34.13 12.90
N HIS A 1184 -6.10 33.92 13.43
CA HIS A 1184 -5.61 34.81 14.47
C HIS A 1184 -5.27 36.19 13.89
N ILE A 1185 -4.65 36.23 12.72
CA ILE A 1185 -4.28 37.51 12.11
C ILE A 1185 -5.52 38.24 11.62
N THR A 1186 -6.50 37.52 11.08
CA THR A 1186 -7.70 38.16 10.56
C THR A 1186 -8.58 38.70 11.68
N ARG A 1187 -8.65 37.97 12.80
CA ARG A 1187 -9.52 38.41 13.89
C ARG A 1187 -8.92 39.62 14.60
N SER A 1188 -7.60 39.73 14.65
CA SER A 1188 -6.98 40.90 15.24
C SER A 1188 -7.20 42.14 14.38
N PHE A 1189 -7.32 41.96 13.06
CA PHE A 1189 -7.62 43.07 12.19
C PHE A 1189 -9.06 43.54 12.36
N ALA A 1190 -9.98 42.62 12.65
CA ALA A 1190 -11.40 42.96 12.69
C ALA A 1190 -11.73 43.80 13.92
N ILE A 1191 -11.08 43.52 15.05
CA ILE A 1191 -11.33 44.29 16.27
C ILE A 1191 -10.42 45.49 16.40
N SER A 1192 -9.67 45.83 15.36
CA SER A 1192 -8.80 46.99 15.43
C SER A 1192 -9.60 48.29 15.34
N THR A 1193 -9.01 49.36 15.86
CA THR A 1193 -9.59 50.71 15.78
C THR A 1193 -8.44 51.66 15.46
N LYS A 1194 -8.36 52.07 14.20
CA LYS A 1194 -7.34 52.99 13.72
C LYS A 1194 -7.97 53.85 12.64
N PRO A 1195 -7.33 54.98 12.31
CA PRO A 1195 -7.92 55.86 11.28
C PRO A 1195 -7.89 55.28 9.87
N THR A 1196 -6.78 54.67 9.47
CA THR A 1196 -6.63 54.15 8.12
C THR A 1196 -6.40 52.65 8.16
N TRP A 1197 -6.59 52.01 6.99
CA TRP A 1197 -6.45 50.57 6.87
C TRP A 1197 -5.00 50.12 7.07
N LEU A 1198 -4.04 50.96 6.68
CA LEU A 1198 -2.63 50.61 6.74
C LEU A 1198 -2.15 50.48 8.18
N GLU A 1199 -2.60 51.39 9.06
CA GLU A 1199 -2.20 51.29 10.46
C GLU A 1199 -2.90 50.13 11.15
N ARG A 1200 -4.12 49.78 10.71
CA ARG A 1200 -4.79 48.60 11.25
C ARG A 1200 -4.07 47.32 10.87
N ALA A 1201 -3.61 47.23 9.62
CA ALA A 1201 -2.82 46.08 9.19
C ALA A 1201 -1.48 46.03 9.90
N LYS A 1202 -0.89 47.21 10.18
CA LYS A 1202 0.36 47.25 10.94
C LYS A 1202 0.18 46.78 12.37
N GLU A 1203 -0.92 47.18 13.01
CA GLU A 1203 -1.20 46.73 14.37
C GLU A 1203 -1.51 45.23 14.42
N ALA A 1204 -2.21 44.73 13.40
CA ALA A 1204 -2.49 43.29 13.33
C ALA A 1204 -1.21 42.49 13.07
N THR A 1205 -0.28 43.04 12.29
CA THR A 1205 0.98 42.35 12.07
C THR A 1205 1.85 42.36 13.33
N ILE A 1206 1.88 43.49 14.04
CA ILE A 1206 2.74 43.57 15.22
C ILE A 1206 2.19 42.74 16.37
N SER A 1207 0.87 42.76 16.58
CA SER A 1207 0.31 42.18 17.80
C SER A 1207 0.31 40.65 17.74
N MET A 1208 -0.43 40.07 16.79
CA MET A 1208 -0.59 38.64 16.72
C MET A 1208 0.35 37.97 15.73
N GLY A 1209 1.02 38.74 14.88
CA GLY A 1209 1.96 38.14 13.94
C GLY A 1209 3.18 37.59 14.62
N SER A 1210 3.67 38.28 15.64
CA SER A 1210 4.82 37.80 16.41
C SER A 1210 4.47 36.56 17.20
N ALA A 1211 3.26 36.53 17.78
CA ALA A 1211 2.82 35.36 18.55
C ALA A 1211 2.60 34.16 17.65
N VAL A 1212 2.05 34.39 16.45
CA VAL A 1212 1.82 33.31 15.50
C VAL A 1212 3.14 32.76 14.97
N PHE A 1213 4.10 33.64 14.70
CA PHE A 1213 5.42 33.19 14.24
C PHE A 1213 6.18 32.46 15.34
N ALA A 1214 6.09 32.93 16.58
CA ALA A 1214 6.87 32.35 17.66
C ALA A 1214 6.17 31.19 18.36
N GLY A 1215 4.91 30.92 18.04
CA GLY A 1215 4.25 29.80 18.69
C GLY A 1215 3.54 28.83 17.77
N VAL A 1216 3.46 29.15 16.47
CA VAL A 1216 2.72 28.31 15.54
C VAL A 1216 3.66 27.85 14.44
N ALA A 1217 4.71 28.62 14.18
CA ALA A 1217 5.67 28.28 13.15
C ALA A 1217 6.91 27.62 13.72
N MET A 1218 7.34 28.04 14.91
CA MET A 1218 8.49 27.40 15.55
C MET A 1218 8.09 26.26 16.46
N THR A 1219 6.80 26.05 16.71
CA THR A 1219 6.38 24.97 17.58
C THR A 1219 6.31 23.64 16.85
N ASN A 1220 5.91 23.64 15.58
CA ASN A 1220 5.78 22.40 14.81
C ASN A 1220 7.09 21.99 14.12
N LEU A 1221 8.07 22.86 14.07
CA LEU A 1221 9.34 22.58 13.41
C LEU A 1221 10.14 21.46 14.08
N PRO A 1222 10.27 21.40 15.41
CA PRO A 1222 10.85 20.19 16.02
C PRO A 1222 10.04 18.93 15.80
N GLY A 1223 8.72 19.03 15.74
CA GLY A 1223 7.91 17.85 15.50
C GLY A 1223 7.95 17.33 14.10
N ILE A 1224 8.36 18.15 13.13
CA ILE A 1224 8.41 17.76 11.73
C ILE A 1224 9.82 17.45 11.28
N LEU A 1225 10.82 18.17 11.80
CA LEU A 1225 12.20 17.90 11.41
C LEU A 1225 12.73 16.60 12.02
N VAL A 1226 12.12 16.11 13.10
CA VAL A 1226 12.58 14.85 13.68
C VAL A 1226 12.18 13.68 12.80
N LEU A 1227 11.12 13.81 12.01
CA LEU A 1227 10.69 12.74 11.13
C LEU A 1227 11.54 12.64 9.86
N GLY A 1228 12.40 13.61 9.58
CA GLY A 1228 13.21 13.58 8.38
C GLY A 1228 14.27 12.49 8.38
N LEU A 1229 14.69 12.04 9.56
CA LEU A 1229 15.63 10.94 9.71
C LEU A 1229 14.85 9.79 10.36
N ALA A 1230 14.25 8.94 9.52
CA ALA A 1230 13.20 8.05 9.99
C ALA A 1230 13.28 6.61 9.51
N LYS A 1231 14.25 6.27 8.65
CA LYS A 1231 14.58 4.91 8.22
C LYS A 1231 13.59 4.22 7.27
N ALA A 1232 12.44 4.85 6.98
CA ALA A 1232 11.41 4.28 6.12
C ALA A 1232 11.00 5.38 5.15
N GLN A 1233 10.86 5.02 3.87
CA GLN A 1233 10.63 6.04 2.86
C GLN A 1233 9.22 6.59 2.91
N LEU A 1234 8.27 5.84 3.48
CA LEU A 1234 6.90 6.33 3.60
C LEU A 1234 6.80 7.46 4.60
N ILE A 1235 7.37 7.27 5.80
CA ILE A 1235 7.37 8.32 6.81
C ILE A 1235 8.26 9.48 6.39
N GLN A 1236 9.38 9.18 5.76
CA GLN A 1236 10.33 10.22 5.37
C GLN A 1236 9.93 10.94 4.09
N ILE A 1237 8.91 10.46 3.39
CA ILE A 1237 8.46 11.11 2.16
C ILE A 1237 7.12 11.81 2.34
N PHE A 1238 6.16 11.17 2.99
CA PHE A 1238 4.82 11.73 3.06
C PHE A 1238 4.57 12.54 4.33
N PHE A 1239 5.16 12.16 5.45
CA PHE A 1239 4.93 12.87 6.69
C PHE A 1239 6.04 13.84 7.06
N PHE A 1240 7.09 13.93 6.24
CA PHE A 1240 8.13 14.94 6.45
C PHE A 1240 8.20 15.93 5.31
N ARG A 1241 8.20 15.46 4.06
CA ARG A 1241 8.26 16.36 2.92
C ARG A 1241 6.97 17.16 2.77
N LEU A 1242 5.83 16.52 3.03
CA LEU A 1242 4.55 17.21 2.87
C LEU A 1242 4.32 18.20 4.00
N ASN A 1243 4.59 17.79 5.25
CA ASN A 1243 4.31 18.66 6.38
C ASN A 1243 5.29 19.82 6.47
N LEU A 1244 6.54 19.60 6.05
CA LEU A 1244 7.50 20.69 5.99
C LEU A 1244 7.13 21.68 4.90
N LEU A 1245 6.54 21.19 3.82
CA LEU A 1245 6.13 22.06 2.73
C LEU A 1245 4.82 22.79 3.03
N ILE A 1246 4.08 22.36 4.04
CA ILE A 1246 2.85 23.03 4.43
C ILE A 1246 3.13 24.12 5.48
N THR A 1247 4.07 23.85 6.40
CA THR A 1247 4.39 24.84 7.42
C THR A 1247 5.10 26.04 6.83
N LEU A 1248 5.98 25.82 5.84
CA LEU A 1248 6.63 26.95 5.20
C LEU A 1248 5.64 27.73 4.32
N LEU A 1249 4.78 27.02 3.59
CA LEU A 1249 3.77 27.70 2.79
C LEU A 1249 2.71 28.35 3.66
N GLY A 1250 2.31 27.68 4.74
CA GLY A 1250 1.31 28.24 5.63
C GLY A 1250 1.81 29.45 6.39
N LEU A 1251 3.06 29.41 6.83
CA LEU A 1251 3.66 30.59 7.47
C LEU A 1251 3.85 31.71 6.48
N LEU A 1252 4.15 31.38 5.22
CA LEU A 1252 4.46 32.40 4.23
C LEU A 1252 3.23 33.09 3.67
N HIS A 1253 2.06 32.44 3.74
CA HIS A 1253 0.80 33.08 3.38
C HIS A 1253 0.12 33.76 4.55
N GLY A 1254 0.26 33.25 5.75
CA GLY A 1254 -0.38 33.85 6.90
C GLY A 1254 0.41 34.94 7.58
N LEU A 1255 1.57 35.29 7.06
CA LEU A 1255 2.42 36.28 7.69
C LEU A 1255 3.02 37.30 6.73
N VAL A 1256 2.92 37.08 5.42
CA VAL A 1256 3.47 38.02 4.45
C VAL A 1256 2.39 38.43 3.47
N PHE A 1257 1.41 37.55 3.26
CA PHE A 1257 0.36 37.79 2.27
C PHE A 1257 -0.95 38.23 2.90
N LEU A 1258 -1.33 37.64 4.02
CA LEU A 1258 -2.56 38.04 4.71
C LEU A 1258 -2.52 39.46 5.26
N PRO A 1259 -1.44 39.94 5.92
CA PRO A 1259 -1.39 41.37 6.28
C PRO A 1259 -1.38 42.32 5.10
N VAL A 1260 -0.75 41.94 3.98
CA VAL A 1260 -0.74 42.82 2.82
C VAL A 1260 -2.11 42.90 2.18
N ILE A 1261 -2.81 41.77 2.07
CA ILE A 1261 -4.13 41.78 1.45
C ILE A 1261 -5.16 42.41 2.37
N LEU A 1262 -4.92 42.39 3.69
CA LEU A 1262 -5.87 42.98 4.62
C LEU A 1262 -5.80 44.50 4.64
N SER A 1263 -4.71 45.08 4.13
CA SER A 1263 -4.60 46.53 4.05
C SER A 1263 -5.21 47.10 2.79
N TYR A 1264 -5.82 46.27 1.95
CA TYR A 1264 -6.48 46.71 0.73
C TYR A 1264 -7.99 46.50 0.79
N VAL A 1265 -8.44 45.27 1.09
CA VAL A 1265 -9.86 44.96 1.01
C VAL A 1265 -10.37 44.45 2.36
N GLY A 1266 -9.77 44.92 3.44
CA GLY A 1266 -10.15 44.49 4.77
C GLY A 1266 -11.52 44.98 5.18
N PRO A 1267 -12.07 44.40 6.25
CA PRO A 1267 -13.38 44.83 6.73
C PRO A 1267 -13.34 46.23 7.33
N ASP A 1268 -14.50 46.88 7.32
CA ASP A 1268 -14.60 48.26 7.80
C ASP A 1268 -14.43 48.31 9.32
N VAL A 1269 -14.22 49.53 9.82
CA VAL A 1269 -13.88 49.74 11.22
C VAL A 1269 -15.18 49.81 12.03
N ASN A 1270 -15.60 48.65 12.51
CA ASN A 1270 -16.70 48.60 13.46
C ASN A 1270 -16.26 49.24 14.78
N PRO A 1271 -17.15 49.98 15.47
CA PRO A 1271 -16.82 50.44 16.83
C PRO A 1271 -16.64 49.28 17.79
N ALA A 1272 -17.68 48.45 17.94
CA ALA A 1272 -17.60 47.14 18.60
C ALA A 1272 -17.26 47.25 20.08
N LEU A 1273 -17.94 48.17 20.78
CA LEU A 1273 -17.64 48.38 22.19
C LEU A 1273 -18.18 47.27 23.08
N ALA A 1274 -19.13 46.48 22.60
CA ALA A 1274 -19.68 45.37 23.38
C ALA A 1274 -18.64 44.27 23.56
#